data_8TSO
#
_entry.id   8TSO
#
_cell.length_a   1.00
_cell.length_b   1.00
_cell.length_c   1.00
_cell.angle_alpha   90.00
_cell.angle_beta   90.00
_cell.angle_gamma   90.00
#
_symmetry.space_group_name_H-M   'P 1'
#
loop_
_entity.id
_entity.type
_entity.pdbx_description
1 polymer 'ATP-binding transport protein MsbA'
2 non-polymer 'PENTAETHYLENE GLYCOL MONODECYL ETHER'
3 non-polymer '(2~{R},4~{R},5~{R},6~{R})-6-[(1~{R})-1,2-bis(oxidanyl)ethyl]-2-[(2~{R},4~{R},5~{R},6~{R})-6-[(1~{R})-1,2-bis(oxidanyl)ethyl]-2-carboxy-2-[[(2~{R},3~{S},4~{R},5~{R},6~{R})-5-[[(3~{R})-3-dodecanoyloxytetradecanoyl]amino]-6-[[(2~{R},3~{S},4~{R},5~{R},6~{R})-3-oxidanyl-5-[[(3~{R})-3-oxidanyltetradecanoyl]amino]-4-[(3~{R})-3-oxidanyltetradecanoyl]oxy-6-phosphonooxy-oxan-2-yl]methoxy]-3-phosphonooxy-4-[(3~{R})-3-tetradecanoyloxytetradecanoyl]oxy-oxan-2-yl]methoxy]-5-oxidanyl-oxan-4-yl]oxy-4,5-bis(oxidanyl)oxane-2-carboxylic acid'
#
_entity_poly.entity_id   1
_entity_poly.type   'polypeptide(L)'
_entity_poly.pdbx_seq_one_letter_code
;GSHNDKDLSTWQTFRRLWPTIAPFKAGLIVAGVALILNAASDTFMLSLLKPLLDDGFGKTDRSVLVWMPLVVIGLMILRG
ITSYVSSYCISWVSGKVVMTMRRRLFGHMMGMPVSFFDKQSTGTLLSRITYDSEQVASSSSGALITVVREGASIIGLFIM
MFYYSWQLSIILIVLAPIVSIAIRVVSKRFRNISKNMQNTMGQVTTSAEQMLKGHKEVLIFGGQEVETKRFDKVSNRMRL
QGMKMVSASSISDPIIQLIASLALAFVLYAASFPSVMDSLTAGTITVVFSSMIALMRPLKSLTNVNAQFQRGMAACQTLF
TILDSEQEKDEGKRVIERATGDVEFRNVTFTYPGRDVPALRNINLKIPAGKTVALVGRSGSGKSTIASLITRFYDIDEGE
ILMDGHDLREYTLASLRNQVALVSQNVHLFNDTVANNIAYARTEQYSREQIEEAARMAYAMDFINKMDNGLDTVIGENGV
LLSGGQRQRIAIARALLRDSPILILDEATSALDTESERAIQAALDELQKNRTSLVIAHRLSTIEKADEIVVVEDGVIVER
GTHNDLLEHRGVYAQLHKMQFGQ
;
_entity_poly.pdbx_strand_id   A,B
#
# COMPACT_ATOMS: atom_id res chain seq x y z
N LEU A 8 -18.79 2.28 -19.84
CA LEU A 8 -18.13 1.38 -20.77
C LEU A 8 -18.56 -0.06 -20.56
N SER A 9 -18.77 -0.78 -21.65
CA SER A 9 -19.06 -2.20 -21.59
C SER A 9 -17.77 -3.00 -21.51
N THR A 10 -17.91 -4.31 -21.26
CA THR A 10 -16.74 -5.17 -21.15
C THR A 10 -15.97 -5.27 -22.45
N TRP A 11 -16.56 -4.86 -23.58
CA TRP A 11 -15.86 -4.82 -24.85
C TRP A 11 -15.19 -3.47 -25.09
N GLN A 12 -15.82 -2.39 -24.64
CA GLN A 12 -15.24 -1.06 -24.82
C GLN A 12 -14.00 -0.86 -23.95
N THR A 13 -14.01 -1.38 -22.73
CA THR A 13 -12.84 -1.24 -21.87
C THR A 13 -11.73 -2.21 -22.27
N PHE A 14 -12.09 -3.34 -22.89
CA PHE A 14 -11.05 -4.26 -23.35
C PHE A 14 -10.31 -3.70 -24.56
N ARG A 15 -11.02 -2.97 -25.41
CA ARG A 15 -10.37 -2.35 -26.57
C ARG A 15 -9.42 -1.23 -26.17
N ARG A 16 -9.63 -0.63 -24.99
CA ARG A 16 -8.65 0.33 -24.48
C ARG A 16 -7.45 -0.39 -23.88
N LEU A 17 -7.66 -1.59 -23.35
CA LEU A 17 -6.57 -2.35 -22.76
C LEU A 17 -5.72 -3.06 -23.82
N TRP A 18 -6.28 -3.30 -25.01
CA TRP A 18 -5.52 -3.98 -26.06
C TRP A 18 -4.25 -3.24 -26.47
N PRO A 19 -4.23 -1.90 -26.65
CA PRO A 19 -2.98 -1.25 -27.07
C PRO A 19 -1.82 -1.41 -26.09
N THR A 20 -2.08 -1.65 -24.80
CA THR A 20 -0.99 -1.93 -23.87
C THR A 20 -0.66 -3.41 -23.78
N ILE A 21 -1.39 -4.27 -24.50
CA ILE A 21 -1.02 -5.67 -24.64
C ILE A 21 -0.36 -5.95 -25.99
N ALA A 22 -0.65 -5.14 -27.00
CA ALA A 22 -0.09 -5.37 -28.33
C ALA A 22 1.44 -5.42 -28.36
N PRO A 23 2.19 -4.59 -27.62
CA PRO A 23 3.65 -4.76 -27.63
C PRO A 23 4.13 -6.10 -27.11
N PHE A 24 3.28 -6.83 -26.37
CA PHE A 24 3.66 -8.13 -25.81
C PHE A 24 2.82 -9.26 -26.37
N LYS A 25 2.28 -9.10 -27.59
CA LYS A 25 1.46 -10.17 -28.17
C LYS A 25 2.29 -11.33 -28.69
N ALA A 26 3.60 -11.17 -28.80
CA ALA A 26 4.46 -12.29 -29.18
C ALA A 26 4.39 -13.40 -28.14
N GLY A 27 4.32 -13.03 -26.86
CA GLY A 27 4.14 -14.02 -25.82
C GLY A 27 2.82 -14.76 -25.94
N LEU A 28 1.76 -14.04 -26.27
CA LEU A 28 0.46 -14.70 -26.47
C LEU A 28 0.50 -15.66 -27.65
N ILE A 29 1.15 -15.26 -28.74
CA ILE A 29 1.26 -16.13 -29.91
C ILE A 29 2.06 -17.39 -29.56
N VAL A 30 3.19 -17.21 -28.86
CA VAL A 30 4.02 -18.36 -28.52
C VAL A 30 3.29 -19.29 -27.55
N ALA A 31 2.55 -18.72 -26.60
CA ALA A 31 1.75 -19.53 -25.69
C ALA A 31 0.68 -20.32 -26.44
N GLY A 32 0.03 -19.69 -27.41
CA GLY A 32 -0.96 -20.40 -28.20
C GLY A 32 -0.36 -21.53 -29.01
N VAL A 33 0.79 -21.29 -29.63
CA VAL A 33 1.46 -22.35 -30.40
C VAL A 33 1.86 -23.50 -29.49
N ALA A 34 2.40 -23.17 -28.31
CA ALA A 34 2.80 -24.22 -27.37
C ALA A 34 1.59 -25.01 -26.88
N LEU A 35 0.46 -24.34 -26.65
CA LEU A 35 -0.76 -25.05 -26.26
C LEU A 35 -1.26 -25.97 -27.36
N ILE A 36 -1.16 -25.53 -28.63
CA ILE A 36 -1.56 -26.38 -29.74
C ILE A 36 -0.66 -27.61 -29.81
N LEU A 37 0.65 -27.42 -29.66
CA LEU A 37 1.57 -28.55 -29.65
C LEU A 37 1.27 -29.50 -28.50
N ASN A 38 0.97 -28.96 -27.32
CA ASN A 38 0.63 -29.79 -26.17
C ASN A 38 -0.64 -30.59 -26.42
N ALA A 39 -1.64 -29.96 -27.04
CA ALA A 39 -2.87 -30.68 -27.38
C ALA A 39 -2.60 -31.80 -28.36
N ALA A 40 -1.76 -31.55 -29.36
CA ALA A 40 -1.42 -32.60 -30.31
C ALA A 40 -0.68 -33.75 -29.63
N SER A 41 0.25 -33.44 -28.74
CA SER A 41 0.96 -34.48 -28.00
C SER A 41 0.02 -35.29 -27.12
N ASP A 42 -0.93 -34.61 -26.46
CA ASP A 42 -1.90 -35.32 -25.63
C ASP A 42 -2.81 -36.20 -26.47
N THR A 43 -3.20 -35.73 -27.66
CA THR A 43 -4.00 -36.56 -28.56
C THR A 43 -3.24 -37.81 -28.98
N PHE A 44 -1.96 -37.65 -29.32
CA PHE A 44 -1.15 -38.82 -29.67
C PHE A 44 -1.02 -39.77 -28.49
N MET A 45 -0.83 -39.22 -27.29
CA MET A 45 -0.75 -40.06 -26.09
C MET A 45 -2.04 -40.84 -25.85
N LEU A 46 -3.19 -40.17 -26.02
CA LEU A 46 -4.46 -40.87 -25.84
C LEU A 46 -4.64 -41.96 -26.89
N SER A 47 -4.26 -41.68 -28.14
CA SER A 47 -4.36 -42.71 -29.17
C SER A 47 -3.48 -43.90 -28.86
N LEU A 48 -2.27 -43.66 -28.35
CA LEU A 48 -1.36 -44.74 -27.98
C LEU A 48 -1.75 -45.44 -26.69
N LEU A 49 -2.56 -44.81 -25.84
CA LEU A 49 -2.86 -45.33 -24.52
C LEU A 49 -4.22 -46.00 -24.40
N LYS A 50 -5.20 -45.65 -25.23
CA LYS A 50 -6.52 -46.25 -25.12
C LYS A 50 -6.51 -47.78 -25.27
N PRO A 51 -5.79 -48.38 -26.24
CA PRO A 51 -5.77 -49.86 -26.31
C PRO A 51 -5.26 -50.50 -25.04
N LEU A 52 -4.22 -49.94 -24.44
CA LEU A 52 -3.63 -50.54 -23.23
C LEU A 52 -4.62 -50.51 -22.07
N LEU A 53 -5.33 -49.39 -21.89
CA LEU A 53 -6.24 -49.28 -20.77
C LEU A 53 -7.52 -50.09 -21.00
N ASP A 54 -8.03 -50.11 -22.24
CA ASP A 54 -9.29 -50.79 -22.52
C ASP A 54 -9.08 -52.29 -22.70
N ASP A 55 -8.34 -52.68 -23.74
CA ASP A 55 -8.15 -54.09 -24.02
C ASP A 55 -7.32 -54.75 -22.93
N GLY A 56 -6.26 -54.09 -22.48
CA GLY A 56 -5.37 -54.62 -21.48
C GLY A 56 -4.09 -55.18 -22.08
N PHE A 57 -3.14 -55.44 -21.20
CA PHE A 57 -1.87 -56.03 -21.62
C PHE A 57 -2.08 -57.47 -22.05
N GLY A 58 -1.33 -57.87 -23.07
CA GLY A 58 -1.43 -59.19 -23.67
C GLY A 58 -1.89 -59.17 -25.11
N LYS A 59 -2.74 -58.22 -25.47
CA LYS A 59 -3.21 -58.05 -26.84
C LYS A 59 -2.30 -57.13 -27.65
N THR A 60 -1.28 -56.54 -27.03
CA THR A 60 -0.36 -55.64 -27.70
C THR A 60 0.89 -56.39 -28.13
N ASP A 61 1.48 -55.93 -29.24
CA ASP A 61 2.67 -56.55 -29.78
C ASP A 61 3.84 -56.38 -28.81
N ARG A 62 4.61 -57.45 -28.62
CA ARG A 62 5.73 -57.39 -27.70
C ARG A 62 6.80 -56.41 -28.15
N SER A 63 7.05 -56.35 -29.46
CA SER A 63 8.09 -55.47 -29.98
C SER A 63 7.77 -54.01 -29.69
N VAL A 64 6.49 -53.63 -29.81
CA VAL A 64 6.08 -52.27 -29.46
C VAL A 64 6.32 -52.00 -27.98
N LEU A 65 6.06 -53.00 -27.13
CA LEU A 65 6.19 -52.82 -25.69
C LEU A 65 7.62 -52.49 -25.28
N VAL A 66 8.60 -52.95 -26.07
CA VAL A 66 9.99 -52.64 -25.75
C VAL A 66 10.27 -51.16 -25.97
N TRP A 67 9.69 -50.57 -27.01
CA TRP A 67 9.89 -49.17 -27.31
C TRP A 67 8.90 -48.25 -26.59
N MET A 68 7.92 -48.82 -25.90
CA MET A 68 6.94 -48.00 -25.17
C MET A 68 7.55 -47.11 -24.09
N PRO A 69 8.46 -47.58 -23.21
CA PRO A 69 8.98 -46.68 -22.16
C PRO A 69 9.68 -45.44 -22.71
N LEU A 70 10.45 -45.59 -23.79
CA LEU A 70 11.12 -44.44 -24.38
C LEU A 70 10.12 -43.46 -24.96
N VAL A 71 9.05 -43.97 -25.57
CA VAL A 71 8.00 -43.10 -26.08
C VAL A 71 7.34 -42.34 -24.95
N VAL A 72 7.08 -43.03 -23.83
CA VAL A 72 6.45 -42.38 -22.67
C VAL A 72 7.35 -41.27 -22.15
N ILE A 73 8.64 -41.55 -22.00
CA ILE A 73 9.57 -40.54 -21.48
C ILE A 73 9.66 -39.35 -22.43
N GLY A 74 9.77 -39.61 -23.73
CA GLY A 74 9.85 -38.52 -24.69
C GLY A 74 8.59 -37.67 -24.72
N LEU A 75 7.42 -38.30 -24.64
CA LEU A 75 6.17 -37.55 -24.63
C LEU A 75 6.04 -36.72 -23.35
N MET A 76 6.48 -37.26 -22.23
CA MET A 76 6.46 -36.49 -20.99
C MET A 76 7.40 -35.30 -21.06
N ILE A 77 8.58 -35.48 -21.66
CA ILE A 77 9.51 -34.37 -21.83
C ILE A 77 8.90 -33.30 -22.73
N LEU A 78 8.27 -33.71 -23.84
CA LEU A 78 7.63 -32.76 -24.73
C LEU A 78 6.51 -32.00 -24.04
N ARG A 79 5.69 -32.71 -23.26
CA ARG A 79 4.62 -32.06 -22.51
C ARG A 79 5.19 -31.05 -21.53
N GLY A 80 6.27 -31.42 -20.84
CA GLY A 80 6.88 -30.49 -19.91
C GLY A 80 7.41 -29.25 -20.57
N ILE A 81 8.08 -29.42 -21.72
CA ILE A 81 8.63 -28.26 -22.44
C ILE A 81 7.51 -27.34 -22.90
N THR A 82 6.46 -27.91 -23.49
CA THR A 82 5.36 -27.08 -23.98
C THR A 82 4.63 -26.38 -22.83
N SER A 83 4.43 -27.09 -21.71
CA SER A 83 3.78 -26.47 -20.55
C SER A 83 4.61 -25.33 -20.00
N TYR A 84 5.92 -25.52 -19.88
CA TYR A 84 6.79 -24.45 -19.40
C TYR A 84 6.71 -23.24 -20.31
N VAL A 85 6.78 -23.47 -21.64
CA VAL A 85 6.76 -22.35 -22.57
C VAL A 85 5.45 -21.58 -22.46
N SER A 86 4.33 -22.31 -22.42
CA SER A 86 3.03 -21.64 -22.35
C SER A 86 2.88 -20.84 -21.06
N SER A 87 3.19 -21.46 -19.92
CA SER A 87 3.04 -20.78 -18.64
C SER A 87 3.94 -19.55 -18.57
N TYR A 88 5.20 -19.69 -18.98
CA TYR A 88 6.12 -18.57 -18.93
C TYR A 88 5.66 -17.42 -19.82
N CYS A 89 5.19 -17.73 -21.03
CA CYS A 89 4.77 -16.66 -21.93
C CYS A 89 3.52 -15.94 -21.42
N ILE A 90 2.57 -16.70 -20.88
CA ILE A 90 1.35 -16.09 -20.35
C ILE A 90 1.68 -15.17 -19.18
N SER A 91 2.48 -15.68 -18.23
CA SER A 91 2.85 -14.85 -17.09
C SER A 91 3.73 -13.67 -17.50
N TRP A 92 4.54 -13.84 -18.54
CA TRP A 92 5.35 -12.75 -19.06
C TRP A 92 4.48 -11.61 -19.57
N VAL A 93 3.47 -11.95 -20.37
CA VAL A 93 2.57 -10.92 -20.89
C VAL A 93 1.84 -10.24 -19.73
N SER A 94 1.35 -11.02 -18.77
CA SER A 94 0.60 -10.44 -17.66
C SER A 94 1.47 -9.48 -16.84
N GLY A 95 2.70 -9.90 -16.53
CA GLY A 95 3.58 -9.05 -15.75
C GLY A 95 4.01 -7.81 -16.50
N LYS A 96 4.25 -7.94 -17.81
CA LYS A 96 4.59 -6.76 -18.60
C LYS A 96 3.45 -5.76 -18.63
N VAL A 97 2.22 -6.23 -18.77
CA VAL A 97 1.07 -5.32 -18.77
C VAL A 97 0.91 -4.66 -17.41
N VAL A 98 1.09 -5.43 -16.32
CA VAL A 98 0.96 -4.84 -14.99
C VAL A 98 2.03 -3.79 -14.74
N MET A 99 3.27 -4.07 -15.15
CA MET A 99 4.34 -3.10 -14.99
C MET A 99 4.09 -1.85 -15.82
N THR A 100 3.58 -2.00 -17.04
CA THR A 100 3.24 -0.85 -17.87
C THR A 100 2.17 0.00 -17.21
N MET A 101 1.14 -0.64 -16.67
CA MET A 101 0.07 0.11 -16.00
C MET A 101 0.59 0.84 -14.77
N ARG A 102 1.46 0.18 -13.99
CA ARG A 102 2.04 0.82 -12.81
C ARG A 102 2.84 2.05 -13.20
N ARG A 103 3.67 1.93 -14.25
CA ARG A 103 4.49 3.06 -14.67
C ARG A 103 3.62 4.20 -15.20
N ARG A 104 2.56 3.86 -15.94
CA ARG A 104 1.67 4.90 -16.45
C ARG A 104 0.95 5.63 -15.32
N LEU A 105 0.47 4.90 -14.32
CA LEU A 105 -0.15 5.54 -13.17
C LEU A 105 0.84 6.43 -12.44
N PHE A 106 2.07 5.95 -12.25
CA PHE A 106 3.08 6.75 -11.55
C PHE A 106 3.38 8.04 -12.29
N GLY A 107 3.56 7.95 -13.61
CA GLY A 107 3.82 9.15 -14.39
C GLY A 107 2.65 10.12 -14.39
N HIS A 108 1.43 9.60 -14.49
CA HIS A 108 0.26 10.47 -14.46
C HIS A 108 0.13 11.17 -13.11
N MET A 109 0.35 10.45 -12.01
CA MET A 109 0.34 11.08 -10.69
C MET A 109 1.43 12.14 -10.61
N MET A 110 2.59 11.88 -11.21
CA MET A 110 3.66 12.86 -11.25
C MET A 110 3.28 14.11 -12.03
N GLY A 111 2.42 13.99 -13.03
CA GLY A 111 1.98 15.14 -13.79
C GLY A 111 0.80 15.91 -13.23
N MET A 112 0.26 15.53 -12.09
CA MET A 112 -0.93 16.17 -11.56
C MET A 112 -0.59 17.50 -10.89
N PRO A 113 -1.55 18.41 -10.78
CA PRO A 113 -1.29 19.70 -10.14
C PRO A 113 -1.09 19.56 -8.64
N VAL A 114 -0.57 20.63 -8.04
CA VAL A 114 -0.38 20.65 -6.59
C VAL A 114 -1.71 20.61 -5.87
N SER A 115 -2.73 21.25 -6.43
CA SER A 115 -4.05 21.26 -5.80
C SER A 115 -4.69 19.87 -5.81
N PHE A 116 -4.24 18.99 -6.70
CA PHE A 116 -4.80 17.64 -6.75
C PHE A 116 -4.49 16.85 -5.49
N PHE A 117 -3.30 17.07 -4.92
CA PHE A 117 -2.85 16.28 -3.78
C PHE A 117 -3.41 16.76 -2.46
N ASP A 118 -4.04 17.93 -2.42
CA ASP A 118 -4.71 18.40 -1.21
C ASP A 118 -6.04 17.71 -0.98
N LYS A 119 -6.76 17.39 -2.05
CA LYS A 119 -8.05 16.72 -1.96
C LYS A 119 -7.94 15.21 -2.00
N GLN A 120 -6.72 14.68 -2.07
CA GLN A 120 -6.49 13.24 -2.18
C GLN A 120 -5.75 12.74 -0.95
N SER A 121 -5.99 11.48 -0.62
CA SER A 121 -5.26 10.79 0.43
C SER A 121 -4.14 9.97 -0.19
N THR A 122 -3.01 9.92 0.50
CA THR A 122 -1.87 9.17 -0.01
C THR A 122 -2.18 7.68 -0.13
N GLY A 123 -2.92 7.12 0.83
CA GLY A 123 -3.24 5.71 0.79
C GLY A 123 -4.05 5.31 -0.43
N THR A 124 -4.93 6.20 -0.89
CA THR A 124 -5.72 5.92 -2.08
C THR A 124 -4.83 5.75 -3.31
N LEU A 125 -3.91 6.69 -3.52
CA LEU A 125 -2.98 6.60 -4.65
C LEU A 125 -2.06 5.39 -4.52
N LEU A 126 -1.59 5.11 -3.30
CA LEU A 126 -0.74 3.96 -3.08
C LEU A 126 -1.46 2.67 -3.43
N SER A 127 -2.73 2.55 -3.03
CA SER A 127 -3.49 1.35 -3.37
C SER A 127 -3.76 1.26 -4.85
N ARG A 128 -3.97 2.41 -5.52
CA ARG A 128 -4.14 2.37 -6.96
C ARG A 128 -2.89 1.83 -7.65
N ILE A 129 -1.71 2.26 -7.20
CA ILE A 129 -0.48 1.79 -7.82
C ILE A 129 -0.23 0.31 -7.49
N THR A 130 -0.43 -0.07 -6.22
CA THR A 130 0.01 -1.39 -5.78
C THR A 130 -1.06 -2.46 -5.97
N TYR A 131 -2.32 -2.12 -5.72
CA TYR A 131 -3.40 -3.11 -5.76
C TYR A 131 -4.19 -3.08 -7.06
N ASP A 132 -4.66 -1.91 -7.49
CA ASP A 132 -5.55 -1.84 -8.64
C ASP A 132 -4.83 -2.24 -9.93
N SER A 133 -3.53 -1.95 -10.02
CA SER A 133 -2.79 -2.31 -11.22
C SER A 133 -2.61 -3.80 -11.35
N GLU A 134 -2.46 -4.50 -10.21
CA GLU A 134 -2.23 -5.95 -10.25
C GLU A 134 -3.47 -6.69 -10.75
N GLN A 135 -4.67 -6.15 -10.50
CA GLN A 135 -5.90 -6.84 -10.89
C GLN A 135 -6.06 -6.93 -12.40
N VAL A 136 -5.33 -6.11 -13.18
CA VAL A 136 -5.35 -6.20 -14.63
C VAL A 136 -4.63 -7.44 -15.15
N ALA A 137 -3.83 -8.09 -14.33
CA ALA A 137 -2.99 -9.21 -14.80
C ALA A 137 -3.85 -10.33 -15.35
N SER A 138 -4.96 -10.64 -14.68
CA SER A 138 -5.81 -11.75 -15.11
C SER A 138 -6.35 -11.53 -16.52
N SER A 139 -6.93 -10.36 -16.77
CA SER A 139 -7.58 -10.07 -18.05
C SER A 139 -6.59 -9.71 -19.15
N SER A 140 -5.30 -9.94 -18.97
CA SER A 140 -4.29 -9.60 -19.95
C SER A 140 -3.86 -10.79 -20.80
N SER A 141 -3.41 -11.89 -20.17
CA SER A 141 -2.95 -13.05 -20.92
C SER A 141 -3.74 -14.32 -20.61
N GLY A 142 -3.85 -14.70 -19.33
CA GLY A 142 -4.43 -16.00 -19.01
C GLY A 142 -5.92 -16.06 -19.32
N ALA A 143 -6.67 -15.05 -18.88
CA ALA A 143 -8.10 -15.05 -19.09
C ALA A 143 -8.45 -14.99 -20.57
N LEU A 144 -7.70 -14.22 -21.35
CA LEU A 144 -7.96 -14.14 -22.78
C LEU A 144 -7.76 -15.48 -23.46
N ILE A 145 -6.67 -16.17 -23.16
CA ILE A 145 -6.40 -17.47 -23.77
C ILE A 145 -7.45 -18.48 -23.34
N THR A 146 -7.81 -18.48 -22.06
CA THR A 146 -8.85 -19.38 -21.59
C THR A 146 -10.17 -19.11 -22.30
N VAL A 147 -10.54 -17.84 -22.45
CA VAL A 147 -11.78 -17.48 -23.13
C VAL A 147 -11.75 -17.97 -24.57
N VAL A 148 -10.62 -17.76 -25.27
CA VAL A 148 -10.53 -18.18 -26.66
C VAL A 148 -10.68 -19.68 -26.78
N ARG A 149 -9.98 -20.43 -25.93
CA ARG A 149 -10.05 -21.89 -26.01
C ARG A 149 -11.46 -22.41 -25.72
N GLU A 150 -12.08 -21.92 -24.65
CA GLU A 150 -13.39 -22.43 -24.29
C GLU A 150 -14.46 -22.00 -25.29
N GLY A 151 -14.36 -20.78 -25.80
CA GLY A 151 -15.28 -20.35 -26.83
C GLY A 151 -15.15 -21.16 -28.10
N ALA A 152 -13.91 -21.48 -28.49
CA ALA A 152 -13.70 -22.33 -29.66
C ALA A 152 -14.30 -23.71 -29.44
N SER A 153 -14.10 -24.28 -28.25
CA SER A 153 -14.70 -25.59 -27.96
C SER A 153 -16.21 -25.53 -28.02
N ILE A 154 -16.81 -24.49 -27.43
CA ILE A 154 -18.26 -24.37 -27.42
C ILE A 154 -18.81 -24.20 -28.83
N ILE A 155 -18.16 -23.38 -29.65
CA ILE A 155 -18.62 -23.16 -31.02
C ILE A 155 -18.50 -24.45 -31.82
N GLY A 156 -17.38 -25.15 -31.69
CA GLY A 156 -17.24 -26.41 -32.41
C GLY A 156 -18.27 -27.43 -31.99
N LEU A 157 -18.57 -27.50 -30.70
CA LEU A 157 -19.61 -28.42 -30.23
C LEU A 157 -20.98 -28.03 -30.78
N PHE A 158 -21.26 -26.72 -30.86
CA PHE A 158 -22.54 -26.28 -31.43
C PHE A 158 -22.65 -26.68 -32.90
N ILE A 159 -21.58 -26.49 -33.68
CA ILE A 159 -21.61 -26.89 -35.08
C ILE A 159 -21.79 -28.39 -35.20
N MET A 160 -21.13 -29.16 -34.33
CA MET A 160 -21.33 -30.61 -34.32
C MET A 160 -22.78 -30.98 -34.04
N MET A 161 -23.38 -30.33 -33.04
CA MET A 161 -24.75 -30.65 -32.65
C MET A 161 -25.73 -30.35 -33.78
N PHE A 162 -25.56 -29.20 -34.44
CA PHE A 162 -26.43 -28.88 -35.56
C PHE A 162 -26.12 -29.70 -36.81
N TYR A 163 -24.91 -30.25 -36.91
CA TYR A 163 -24.62 -31.14 -38.03
C TYR A 163 -25.28 -32.49 -37.84
N TYR A 164 -25.27 -33.01 -36.61
CA TYR A 164 -25.88 -34.32 -36.34
C TYR A 164 -27.40 -34.22 -36.35
N SER A 165 -27.96 -33.35 -35.51
CA SER A 165 -29.42 -33.19 -35.41
C SER A 165 -29.72 -31.71 -35.16
N TRP A 166 -30.28 -31.05 -36.18
CA TRP A 166 -30.63 -29.65 -36.03
C TRP A 166 -31.88 -29.47 -35.19
N GLN A 167 -32.83 -30.39 -35.32
CA GLN A 167 -34.10 -30.26 -34.58
C GLN A 167 -33.88 -30.42 -33.08
N LEU A 168 -33.03 -31.36 -32.67
CA LEU A 168 -32.72 -31.50 -31.25
C LEU A 168 -31.94 -30.31 -30.73
N SER A 169 -31.29 -29.56 -31.63
CA SER A 169 -30.42 -28.46 -31.23
C SER A 169 -31.16 -27.13 -31.13
N ILE A 170 -32.47 -27.10 -31.37
CA ILE A 170 -33.23 -25.86 -31.17
C ILE A 170 -33.24 -25.46 -29.70
N ILE A 171 -33.05 -26.43 -28.81
CA ILE A 171 -32.95 -26.12 -27.38
C ILE A 171 -31.75 -25.23 -27.12
N LEU A 172 -30.70 -25.35 -27.94
CA LEU A 172 -29.55 -24.47 -27.81
C LEU A 172 -29.91 -23.03 -28.14
N ILE A 173 -30.68 -22.83 -29.21
CA ILE A 173 -31.18 -21.49 -29.53
C ILE A 173 -32.08 -20.96 -28.44
N VAL A 174 -32.85 -21.83 -27.81
CA VAL A 174 -33.70 -21.41 -26.70
C VAL A 174 -32.89 -21.01 -25.46
N LEU A 175 -31.82 -21.74 -25.15
CA LEU A 175 -31.14 -21.57 -23.87
C LEU A 175 -29.93 -20.65 -23.93
N ALA A 176 -29.35 -20.40 -25.10
CA ALA A 176 -28.21 -19.50 -25.20
C ALA A 176 -28.54 -18.07 -24.75
N PRO A 177 -29.68 -17.47 -25.14
CA PRO A 177 -30.00 -16.15 -24.60
C PRO A 177 -30.08 -16.12 -23.07
N ILE A 178 -30.56 -17.20 -22.45
CA ILE A 178 -30.71 -17.21 -21.00
C ILE A 178 -29.34 -17.16 -20.32
N VAL A 179 -28.41 -18.01 -20.77
CA VAL A 179 -27.08 -18.03 -20.19
C VAL A 179 -26.35 -16.73 -20.50
N SER A 180 -26.60 -16.16 -21.67
CA SER A 180 -25.99 -14.87 -22.01
C SER A 180 -26.47 -13.77 -21.08
N ILE A 181 -27.78 -13.75 -20.79
CA ILE A 181 -28.34 -12.75 -19.89
C ILE A 181 -27.76 -12.91 -18.49
N ALA A 182 -27.68 -14.16 -18.02
CA ALA A 182 -27.14 -14.42 -16.69
C ALA A 182 -25.67 -14.01 -16.60
N ILE A 183 -24.91 -14.29 -17.67
CA ILE A 183 -23.49 -13.92 -17.68
C ILE A 183 -23.35 -12.40 -17.67
N ARG A 184 -24.20 -11.69 -18.42
CA ARG A 184 -24.16 -10.23 -18.40
C ARG A 184 -24.45 -9.68 -17.01
N VAL A 185 -25.49 -10.22 -16.37
CA VAL A 185 -25.87 -9.74 -15.04
C VAL A 185 -24.74 -9.95 -14.05
N VAL A 186 -24.17 -11.16 -14.05
CA VAL A 186 -23.13 -11.46 -13.06
C VAL A 186 -21.84 -10.73 -13.41
N SER A 187 -21.63 -10.39 -14.68
CA SER A 187 -20.45 -9.61 -15.05
C SER A 187 -20.56 -8.20 -14.49
N LYS A 188 -21.74 -7.60 -14.61
CA LYS A 188 -21.96 -6.29 -13.99
C LYS A 188 -21.77 -6.36 -12.48
N ARG A 189 -22.29 -7.43 -11.86
CA ARG A 189 -22.13 -7.59 -10.42
C ARG A 189 -20.66 -7.74 -10.03
N PHE A 190 -19.90 -8.51 -10.79
CA PHE A 190 -18.48 -8.70 -10.54
C PHE A 190 -17.74 -7.37 -10.62
N ARG A 191 -18.06 -6.56 -11.64
CA ARG A 191 -17.38 -5.28 -11.78
C ARG A 191 -17.70 -4.34 -10.62
N ASN A 192 -18.97 -4.33 -10.20
CA ASN A 192 -19.34 -3.51 -9.05
C ASN A 192 -18.60 -3.95 -7.78
N ILE A 193 -18.56 -5.26 -7.54
CA ILE A 193 -17.90 -5.77 -6.33
C ILE A 193 -16.42 -5.45 -6.38
N SER A 194 -15.80 -5.57 -7.56
CA SER A 194 -14.38 -5.30 -7.69
C SER A 194 -14.05 -3.83 -7.41
N LYS A 195 -14.89 -2.92 -7.92
CA LYS A 195 -14.69 -1.51 -7.62
C LYS A 195 -14.84 -1.23 -6.13
N ASN A 196 -15.82 -1.87 -5.49
CA ASN A 196 -15.97 -1.74 -4.04
C ASN A 196 -14.74 -2.24 -3.31
N MET A 197 -14.18 -3.37 -3.76
CA MET A 197 -12.99 -3.93 -3.13
C MET A 197 -11.79 -3.01 -3.28
N GLN A 198 -11.65 -2.39 -4.46
CA GLN A 198 -10.57 -1.43 -4.66
C GLN A 198 -10.71 -0.24 -3.71
N ASN A 199 -11.93 0.27 -3.57
CA ASN A 199 -12.17 1.38 -2.66
C ASN A 199 -11.84 0.99 -1.22
N THR A 200 -12.25 -0.21 -0.79
CA THR A 200 -12.00 -0.61 0.58
C THR A 200 -10.53 -0.91 0.82
N MET A 201 -9.79 -1.37 -0.19
CA MET A 201 -8.35 -1.54 -0.05
C MET A 201 -7.67 -0.18 0.13
N GLY A 202 -8.10 0.81 -0.64
CA GLY A 202 -7.61 2.16 -0.41
C GLY A 202 -7.92 2.65 0.99
N GLN A 203 -9.11 2.32 1.49
CA GLN A 203 -9.50 2.71 2.85
C GLN A 203 -8.60 2.04 3.90
N VAL A 204 -8.28 0.76 3.69
CA VAL A 204 -7.40 0.06 4.63
C VAL A 204 -6.03 0.73 4.65
N THR A 205 -5.49 1.04 3.47
CA THR A 205 -4.20 1.70 3.40
C THR A 205 -4.23 3.06 4.09
N THR A 206 -5.31 3.82 3.87
CA THR A 206 -5.44 5.13 4.50
C THR A 206 -5.54 5.03 6.02
N SER A 207 -6.29 4.04 6.50
CA SER A 207 -6.43 3.86 7.95
C SER A 207 -5.09 3.53 8.60
N ALA A 208 -4.33 2.63 7.97
CA ALA A 208 -3.00 2.31 8.49
C ALA A 208 -2.09 3.54 8.46
N GLU A 209 -2.14 4.31 7.38
CA GLU A 209 -1.34 5.53 7.27
C GLU A 209 -1.69 6.53 8.35
N GLN A 210 -2.98 6.70 8.63
CA GLN A 210 -3.41 7.68 9.62
C GLN A 210 -3.02 7.23 11.03
N MET A 211 -3.06 5.92 11.29
CA MET A 211 -2.56 5.45 12.57
C MET A 211 -1.05 5.71 12.69
N LEU A 212 -0.29 5.46 11.63
CA LEU A 212 1.15 5.68 11.70
C LEU A 212 1.50 7.16 11.83
N LYS A 213 0.73 8.04 11.20
CA LYS A 213 1.01 9.47 11.25
C LYS A 213 0.65 10.09 12.59
N GLY A 214 -0.37 9.55 13.27
CA GLY A 214 -0.76 10.07 14.57
C GLY A 214 -0.46 9.12 15.71
N HIS A 215 0.66 8.40 15.59
CA HIS A 215 1.00 7.37 16.58
C HIS A 215 1.27 8.00 17.94
N LYS A 216 1.98 9.13 17.97
CA LYS A 216 2.29 9.77 19.25
C LYS A 216 1.04 10.32 19.90
N GLU A 217 0.09 10.81 19.11
CA GLU A 217 -1.18 11.25 19.65
C GLU A 217 -1.99 10.08 20.20
N VAL A 218 -1.88 8.91 19.57
CA VAL A 218 -2.49 7.71 20.11
C VAL A 218 -1.83 7.29 21.42
N LEU A 219 -0.51 7.47 21.54
CA LEU A 219 0.16 7.14 22.79
C LEU A 219 -0.21 8.10 23.92
N ILE A 220 -0.25 9.42 23.64
CA ILE A 220 -0.48 10.40 24.69
C ILE A 220 -1.90 10.31 25.22
N PHE A 221 -2.89 10.30 24.33
CA PHE A 221 -4.29 10.35 24.72
C PHE A 221 -4.89 8.97 24.93
N GLY A 222 -4.08 7.92 24.86
CA GLY A 222 -4.66 6.59 24.82
C GLY A 222 -5.41 6.41 23.51
N GLY A 223 -6.46 5.61 23.55
CA GLY A 223 -7.18 5.38 22.33
C GLY A 223 -6.58 4.32 21.43
N GLN A 224 -5.74 3.43 21.98
CA GLN A 224 -5.42 2.22 21.25
C GLN A 224 -6.66 1.37 21.04
N GLU A 225 -7.62 1.46 21.97
CA GLU A 225 -8.89 0.76 21.82
C GLU A 225 -9.73 1.36 20.70
N VAL A 226 -9.80 2.70 20.63
CA VAL A 226 -10.63 3.32 19.60
C VAL A 226 -10.02 3.12 18.22
N GLU A 227 -8.68 3.17 18.12
CA GLU A 227 -8.03 2.90 16.85
C GLU A 227 -8.16 1.43 16.48
N THR A 228 -8.12 0.54 17.47
CA THR A 228 -8.36 -0.87 17.22
C THR A 228 -9.73 -1.10 16.61
N LYS A 229 -10.77 -0.49 17.21
CA LYS A 229 -12.12 -0.61 16.66
C LYS A 229 -12.23 0.01 15.27
N ARG A 230 -11.60 1.17 15.08
CA ARG A 230 -11.67 1.86 13.80
C ARG A 230 -11.05 1.02 12.69
N PHE A 231 -9.93 0.36 12.97
CA PHE A 231 -9.33 -0.53 11.97
C PHE A 231 -10.08 -1.84 11.84
N ASP A 232 -10.72 -2.31 12.92
CA ASP A 232 -11.54 -3.51 12.83
C ASP A 232 -12.67 -3.32 11.83
N LYS A 233 -13.29 -2.13 11.84
CA LYS A 233 -14.36 -1.86 10.90
C LYS A 233 -13.89 -1.99 9.45
N VAL A 234 -12.74 -1.40 9.12
CA VAL A 234 -12.27 -1.41 7.74
C VAL A 234 -11.80 -2.81 7.33
N SER A 235 -11.14 -3.52 8.25
CA SER A 235 -10.73 -4.89 7.96
C SER A 235 -11.93 -5.78 7.68
N ASN A 236 -12.97 -5.66 8.50
CA ASN A 236 -14.17 -6.46 8.26
C ASN A 236 -14.89 -6.03 6.98
N ARG A 237 -14.81 -4.74 6.62
CA ARG A 237 -15.40 -4.30 5.36
C ARG A 237 -14.70 -4.94 4.17
N MET A 238 -13.37 -5.00 4.20
CA MET A 238 -12.65 -5.68 3.13
C MET A 238 -12.98 -7.18 3.10
N ARG A 239 -13.10 -7.79 4.28
CA ARG A 239 -13.49 -9.20 4.36
C ARG A 239 -14.86 -9.43 3.71
N LEU A 240 -15.82 -8.56 4.01
CA LEU A 240 -17.17 -8.77 3.49
C LEU A 240 -17.26 -8.45 2.00
N GLN A 241 -16.42 -7.54 1.49
CA GLN A 241 -16.37 -7.34 0.05
C GLN A 241 -15.83 -8.57 -0.67
N GLY A 242 -14.75 -9.16 -0.15
CA GLY A 242 -14.28 -10.41 -0.72
C GLY A 242 -15.32 -11.50 -0.66
N MET A 243 -16.08 -11.55 0.44
CA MET A 243 -17.15 -12.53 0.57
C MET A 243 -18.25 -12.29 -0.46
N LYS A 244 -18.54 -11.02 -0.75
CA LYS A 244 -19.52 -10.71 -1.80
C LYS A 244 -19.07 -11.22 -3.16
N MET A 245 -17.79 -11.03 -3.48
CA MET A 245 -17.26 -11.57 -4.73
C MET A 245 -17.43 -13.09 -4.78
N VAL A 246 -17.04 -13.76 -3.70
CA VAL A 246 -17.12 -15.22 -3.66
C VAL A 246 -18.55 -15.69 -3.81
N SER A 247 -19.48 -15.04 -3.11
CA SER A 247 -20.88 -15.44 -3.19
C SER A 247 -21.44 -15.22 -4.58
N ALA A 248 -21.07 -14.11 -5.23
CA ALA A 248 -21.51 -13.87 -6.60
C ALA A 248 -21.04 -14.99 -7.52
N SER A 249 -19.77 -15.35 -7.43
CA SER A 249 -19.25 -16.42 -8.30
C SER A 249 -19.94 -17.76 -8.01
N SER A 250 -20.10 -18.08 -6.72
CA SER A 250 -20.62 -19.39 -6.34
C SER A 250 -22.12 -19.50 -6.54
N ILE A 251 -22.80 -18.37 -6.74
CA ILE A 251 -24.20 -18.44 -7.14
C ILE A 251 -24.32 -18.47 -8.65
N SER A 252 -23.44 -17.76 -9.36
CA SER A 252 -23.53 -17.72 -10.82
C SER A 252 -23.21 -19.06 -11.44
N ASP A 253 -22.13 -19.71 -11.01
CA ASP A 253 -21.69 -20.93 -11.70
C ASP A 253 -22.74 -22.04 -11.67
N PRO A 254 -23.31 -22.43 -10.52
CA PRO A 254 -24.33 -23.48 -10.54
C PRO A 254 -25.56 -23.13 -11.35
N ILE A 255 -25.97 -21.85 -11.39
CA ILE A 255 -27.14 -21.47 -12.16
C ILE A 255 -26.88 -21.65 -13.65
N ILE A 256 -25.70 -21.25 -14.12
CA ILE A 256 -25.34 -21.48 -15.51
C ILE A 256 -25.32 -22.98 -15.81
N GLN A 257 -24.77 -23.77 -14.90
CA GLN A 257 -24.72 -25.22 -15.13
C GLN A 257 -26.11 -25.82 -15.18
N LEU A 258 -27.03 -25.36 -14.32
CA LEU A 258 -28.40 -25.86 -14.34
C LEU A 258 -29.11 -25.49 -15.63
N ILE A 259 -28.94 -24.24 -16.10
CA ILE A 259 -29.54 -23.85 -17.37
C ILE A 259 -28.97 -24.67 -18.52
N ALA A 260 -27.68 -24.98 -18.45
CA ALA A 260 -27.08 -25.84 -19.48
C ALA A 260 -27.67 -27.25 -19.44
N SER A 261 -27.82 -27.81 -18.24
CA SER A 261 -28.38 -29.15 -18.10
C SER A 261 -29.86 -29.21 -18.44
N LEU A 262 -30.54 -28.06 -18.51
CA LEU A 262 -31.90 -28.03 -19.04
C LEU A 262 -31.94 -28.62 -20.45
N ALA A 263 -30.89 -28.42 -21.24
CA ALA A 263 -30.83 -29.00 -22.57
C ALA A 263 -30.77 -30.52 -22.52
N LEU A 264 -29.96 -31.08 -21.62
CA LEU A 264 -29.92 -32.53 -21.48
C LEU A 264 -31.25 -33.08 -20.99
N ALA A 265 -31.91 -32.35 -20.10
CA ALA A 265 -33.24 -32.76 -19.65
C ALA A 265 -34.22 -32.79 -20.81
N PHE A 266 -34.17 -31.76 -21.68
CA PHE A 266 -35.05 -31.75 -22.84
C PHE A 266 -34.74 -32.89 -23.79
N VAL A 267 -33.45 -33.19 -23.99
CA VAL A 267 -33.07 -34.29 -24.89
C VAL A 267 -33.58 -35.62 -24.34
N LEU A 268 -33.42 -35.84 -23.03
CA LEU A 268 -33.91 -37.07 -22.43
C LEU A 268 -35.44 -37.16 -22.50
N TYR A 269 -36.13 -36.04 -22.31
CA TYR A 269 -37.59 -36.05 -22.44
C TYR A 269 -38.01 -36.38 -23.86
N ALA A 270 -37.32 -35.83 -24.85
CA ALA A 270 -37.65 -36.11 -26.25
C ALA A 270 -37.34 -37.56 -26.60
N ALA A 271 -36.28 -38.12 -26.02
CA ALA A 271 -35.90 -39.50 -26.31
C ALA A 271 -36.86 -40.52 -25.70
N SER A 272 -37.78 -40.10 -24.84
CA SER A 272 -38.75 -41.00 -24.24
C SER A 272 -39.96 -41.24 -25.11
N PHE A 273 -40.07 -40.54 -26.25
CA PHE A 273 -41.18 -40.70 -27.17
C PHE A 273 -40.77 -41.64 -28.29
N PRO A 274 -41.43 -42.78 -28.48
CA PRO A 274 -41.08 -43.66 -29.59
C PRO A 274 -41.21 -43.00 -30.95
N SER A 275 -42.14 -42.06 -31.12
CA SER A 275 -42.27 -41.36 -32.39
C SER A 275 -41.06 -40.47 -32.66
N VAL A 276 -40.52 -39.84 -31.63
CA VAL A 276 -39.38 -38.95 -31.78
C VAL A 276 -38.06 -39.69 -31.56
N MET A 277 -38.10 -41.00 -31.51
CA MET A 277 -36.89 -41.80 -31.27
C MET A 277 -36.47 -42.61 -32.48
N ASP A 278 -37.43 -43.21 -33.21
CA ASP A 278 -37.07 -43.98 -34.40
C ASP A 278 -36.70 -43.08 -35.57
N SER A 279 -37.27 -41.88 -35.64
CA SER A 279 -36.92 -40.95 -36.71
C SER A 279 -35.46 -40.52 -36.62
N LEU A 280 -34.96 -40.26 -35.41
CA LEU A 280 -33.58 -39.85 -35.20
C LEU A 280 -32.63 -41.03 -35.16
N THR A 281 -33.08 -42.23 -35.52
CA THR A 281 -32.32 -43.47 -35.64
C THR A 281 -31.76 -43.97 -34.32
N ALA A 282 -32.02 -43.28 -33.20
CA ALA A 282 -31.56 -43.68 -31.88
C ALA A 282 -30.03 -43.79 -31.79
N GLY A 283 -29.33 -43.27 -32.78
CA GLY A 283 -27.88 -43.27 -32.78
C GLY A 283 -27.32 -41.86 -32.78
N THR A 284 -28.08 -40.94 -33.36
CA THR A 284 -27.72 -39.53 -33.30
C THR A 284 -28.04 -38.93 -31.94
N ILE A 285 -29.07 -39.46 -31.26
CA ILE A 285 -29.47 -38.93 -29.96
C ILE A 285 -28.35 -39.14 -28.95
N THR A 286 -27.71 -40.30 -28.98
CA THR A 286 -26.59 -40.56 -28.07
C THR A 286 -25.44 -39.59 -28.34
N VAL A 287 -25.14 -39.34 -29.61
CA VAL A 287 -24.06 -38.42 -29.96
C VAL A 287 -24.38 -37.02 -29.48
N VAL A 288 -25.63 -36.59 -29.65
CA VAL A 288 -26.03 -35.25 -29.21
C VAL A 288 -25.96 -35.13 -27.69
N PHE A 289 -26.40 -36.17 -26.98
CA PHE A 289 -26.34 -36.16 -25.52
C PHE A 289 -24.89 -36.08 -25.03
N SER A 290 -24.01 -36.88 -25.63
CA SER A 290 -22.59 -36.81 -25.26
C SER A 290 -22.00 -35.45 -25.63
N SER A 291 -22.49 -34.85 -26.70
CA SER A 291 -22.01 -33.52 -27.10
C SER A 291 -22.36 -32.47 -26.06
N MET A 292 -23.59 -32.47 -25.56
CA MET A 292 -23.94 -31.50 -24.51
C MET A 292 -23.23 -31.81 -23.20
N ILE A 293 -23.02 -33.09 -22.88
CA ILE A 293 -22.22 -33.41 -21.70
C ILE A 293 -20.82 -32.85 -21.83
N ALA A 294 -20.22 -33.00 -23.02
CA ALA A 294 -18.90 -32.41 -23.26
C ALA A 294 -18.95 -30.89 -23.31
N LEU A 295 -20.11 -30.33 -23.62
CA LEU A 295 -20.27 -28.88 -23.66
C LEU A 295 -20.37 -28.26 -22.28
N MET A 296 -20.83 -29.02 -21.29
CA MET A 296 -21.01 -28.46 -19.95
C MET A 296 -19.69 -27.97 -19.35
N ARG A 297 -18.60 -28.73 -19.55
CA ARG A 297 -17.32 -28.37 -18.92
C ARG A 297 -16.72 -27.07 -19.42
N PRO A 298 -16.57 -26.83 -20.74
CA PRO A 298 -16.02 -25.53 -21.17
C PRO A 298 -16.86 -24.35 -20.75
N LEU A 299 -18.17 -24.53 -20.63
CA LEU A 299 -19.02 -23.46 -20.12
C LEU A 299 -18.66 -23.13 -18.68
N LYS A 300 -18.42 -24.16 -17.86
CA LYS A 300 -17.99 -23.92 -16.49
C LYS A 300 -16.65 -23.22 -16.44
N SER A 301 -15.71 -23.63 -17.30
CA SER A 301 -14.42 -22.96 -17.34
C SER A 301 -14.56 -21.49 -17.73
N LEU A 302 -15.43 -21.21 -18.71
CA LEU A 302 -15.65 -19.83 -19.14
C LEU A 302 -16.25 -19.00 -18.02
N THR A 303 -17.24 -19.54 -17.31
CA THR A 303 -17.85 -18.79 -16.22
C THR A 303 -16.87 -18.60 -15.06
N ASN A 304 -15.99 -19.56 -14.84
CA ASN A 304 -14.98 -19.42 -13.80
C ASN A 304 -13.97 -18.33 -14.14
N VAL A 305 -13.52 -18.28 -15.40
CA VAL A 305 -12.58 -17.25 -15.80
C VAL A 305 -13.24 -15.88 -15.92
N ASN A 306 -14.57 -15.85 -16.03
CA ASN A 306 -15.28 -14.58 -16.12
C ASN A 306 -15.08 -13.71 -14.88
N ALA A 307 -15.00 -14.31 -13.70
CA ALA A 307 -14.85 -13.51 -12.49
C ALA A 307 -13.52 -12.75 -12.50
N GLN A 308 -12.43 -13.45 -12.81
CA GLN A 308 -11.13 -12.78 -12.91
C GLN A 308 -11.11 -11.76 -14.04
N PHE A 309 -11.74 -12.09 -15.18
CA PHE A 309 -11.77 -11.15 -16.29
C PHE A 309 -12.52 -9.87 -15.92
N GLN A 310 -13.55 -9.97 -15.09
CA GLN A 310 -14.37 -8.78 -14.73
C GLN A 310 -13.70 -7.99 -13.60
N ARG A 311 -12.79 -8.62 -12.86
CA ARG A 311 -12.03 -7.92 -11.79
C ARG A 311 -10.95 -7.04 -12.40
N GLY A 312 -10.38 -7.47 -13.53
CA GLY A 312 -9.38 -6.66 -14.25
C GLY A 312 -10.04 -5.68 -15.18
N MET A 313 -11.27 -5.95 -15.61
CA MET A 313 -12.03 -5.00 -16.47
C MET A 313 -12.50 -3.84 -15.59
N ALA A 314 -12.86 -4.13 -14.34
CA ALA A 314 -13.27 -3.10 -13.37
C ALA A 314 -12.04 -2.28 -12.98
N ALA A 315 -10.87 -2.92 -12.87
CA ALA A 315 -9.62 -2.20 -12.57
C ALA A 315 -9.22 -1.37 -13.78
N CYS A 316 -9.32 -1.95 -14.98
CA CYS A 316 -8.98 -1.18 -16.17
C CYS A 316 -9.85 0.05 -16.31
N GLN A 317 -11.14 -0.08 -16.01
CA GLN A 317 -12.04 1.08 -16.10
C GLN A 317 -11.60 2.18 -15.15
N THR A 318 -11.31 1.82 -13.90
CA THR A 318 -10.85 2.83 -12.95
C THR A 318 -9.51 3.43 -13.38
N LEU A 319 -8.59 2.59 -13.84
CA LEU A 319 -7.27 3.08 -14.23
C LEU A 319 -7.35 4.02 -15.43
N PHE A 320 -8.21 3.70 -16.40
CA PHE A 320 -8.35 4.57 -17.57
C PHE A 320 -9.06 5.86 -17.22
N THR A 321 -10.02 5.81 -16.29
CA THR A 321 -10.62 7.04 -15.80
C THR A 321 -9.58 7.93 -15.13
N ILE A 322 -8.66 7.33 -14.37
CA ILE A 322 -7.58 8.10 -13.77
C ILE A 322 -6.66 8.68 -14.84
N LEU A 323 -6.30 7.85 -15.82
CA LEU A 323 -5.36 8.26 -16.86
C LEU A 323 -5.95 9.25 -17.85
N ASP A 324 -7.27 9.45 -17.81
CA ASP A 324 -7.90 10.50 -18.59
C ASP A 324 -8.08 11.80 -17.82
N SER A 325 -7.56 11.88 -16.59
CA SER A 325 -7.71 13.07 -15.77
C SER A 325 -6.91 14.22 -16.34
N GLU A 326 -7.19 15.41 -15.83
CA GLU A 326 -6.53 16.63 -16.28
C GLU A 326 -5.28 16.88 -15.45
N GLN A 327 -4.13 16.95 -16.13
CA GLN A 327 -2.88 17.26 -15.49
C GLN A 327 -2.72 18.78 -15.42
N GLU A 328 -1.58 19.24 -14.88
CA GLU A 328 -1.37 20.68 -14.78
C GLU A 328 -1.25 21.30 -16.17
N LYS A 329 -1.90 22.45 -16.35
CA LYS A 329 -1.92 23.09 -17.66
C LYS A 329 -0.54 23.63 -18.02
N ASP A 330 -0.09 23.31 -19.23
CA ASP A 330 1.20 23.73 -19.75
C ASP A 330 1.05 24.32 -21.15
N GLU A 331 0.06 25.19 -21.33
CA GLU A 331 -0.25 25.74 -22.64
C GLU A 331 0.77 26.76 -23.12
N GLY A 332 1.67 27.21 -22.26
CA GLY A 332 2.67 28.18 -22.69
C GLY A 332 3.69 27.56 -23.62
N LYS A 333 4.21 28.39 -24.52
CA LYS A 333 5.17 27.93 -25.53
C LYS A 333 6.53 28.60 -25.44
N ARG A 334 6.64 29.75 -24.78
CA ARG A 334 7.94 30.41 -24.65
C ARG A 334 8.87 29.58 -23.77
N VAL A 335 10.16 29.63 -24.10
CA VAL A 335 11.19 28.93 -23.36
C VAL A 335 12.16 30.01 -22.86
N ILE A 336 12.09 30.31 -21.56
CA ILE A 336 13.00 31.28 -20.97
C ILE A 336 14.32 30.60 -20.64
N GLU A 337 15.43 31.25 -21.01
CA GLU A 337 16.74 30.68 -20.73
C GLU A 337 17.27 31.14 -19.38
N ARG A 338 17.28 32.45 -19.15
CA ARG A 338 17.70 33.01 -17.87
C ARG A 338 16.88 34.26 -17.59
N ALA A 339 16.21 34.29 -16.44
CA ALA A 339 15.36 35.42 -16.07
C ALA A 339 16.25 36.55 -15.56
N THR A 340 16.61 37.46 -16.45
CA THR A 340 17.46 38.60 -16.12
C THR A 340 16.67 39.86 -15.80
N GLY A 341 15.34 39.77 -15.74
CA GLY A 341 14.49 40.91 -15.51
C GLY A 341 13.90 40.93 -14.11
N ASP A 342 12.76 41.62 -14.00
CA ASP A 342 12.07 41.81 -12.74
C ASP A 342 10.80 40.97 -12.69
N VAL A 343 10.55 40.34 -11.54
CA VAL A 343 9.28 39.67 -11.31
C VAL A 343 8.28 40.69 -10.80
N GLU A 344 7.17 40.84 -11.53
CA GLU A 344 6.21 41.90 -11.25
C GLU A 344 4.83 41.29 -11.07
N PHE A 345 4.15 41.67 -9.98
CA PHE A 345 2.77 41.32 -9.75
C PHE A 345 1.90 42.50 -10.16
N ARG A 346 0.91 42.25 -11.01
CA ARG A 346 0.02 43.29 -11.51
C ARG A 346 -1.41 42.94 -11.12
N ASN A 347 -1.88 43.52 -10.02
CA ASN A 347 -3.26 43.36 -9.57
C ASN A 347 -3.63 41.88 -9.42
N VAL A 348 -2.72 41.12 -8.80
CA VAL A 348 -2.87 39.68 -8.72
C VAL A 348 -3.83 39.33 -7.58
N THR A 349 -4.93 38.69 -7.93
CA THR A 349 -5.90 38.17 -6.97
C THR A 349 -5.97 36.66 -7.12
N PHE A 350 -5.80 35.95 -6.00
CA PHE A 350 -5.79 34.49 -6.02
C PHE A 350 -6.63 33.95 -4.89
N THR A 351 -7.42 32.93 -5.19
CA THR A 351 -8.22 32.20 -4.21
C THR A 351 -7.87 30.72 -4.28
N TYR A 352 -7.60 30.13 -3.13
CA TYR A 352 -7.27 28.72 -3.10
C TYR A 352 -8.47 27.89 -3.55
N PRO A 353 -8.25 26.79 -4.27
CA PRO A 353 -9.38 25.95 -4.72
C PRO A 353 -10.18 25.40 -3.55
N GLY A 354 -11.47 25.68 -3.54
CA GLY A 354 -12.37 25.23 -2.49
C GLY A 354 -12.60 26.24 -1.38
N ARG A 355 -11.74 27.25 -1.27
CA ARG A 355 -11.90 28.26 -0.24
C ARG A 355 -12.72 29.44 -0.77
N ASP A 356 -13.39 30.13 0.15
CA ASP A 356 -14.25 31.25 -0.25
C ASP A 356 -13.49 32.57 -0.27
N VAL A 357 -12.88 32.93 0.87
CA VAL A 357 -12.14 34.19 0.99
C VAL A 357 -10.84 34.09 0.20
N PRO A 358 -10.53 35.06 -0.66
CA PRO A 358 -9.27 35.01 -1.41
C PRO A 358 -8.07 35.11 -0.49
N ALA A 359 -7.00 34.39 -0.86
CA ALA A 359 -5.77 34.45 -0.08
C ALA A 359 -5.00 35.73 -0.38
N LEU A 360 -5.12 36.26 -1.60
CA LEU A 360 -4.47 37.48 -2.02
C LEU A 360 -5.47 38.39 -2.72
N ARG A 361 -5.35 39.69 -2.51
CA ARG A 361 -6.25 40.67 -3.10
C ARG A 361 -5.45 41.86 -3.60
N ASN A 362 -5.51 42.09 -4.92
CA ASN A 362 -4.93 43.27 -5.54
C ASN A 362 -3.46 43.46 -5.17
N ILE A 363 -2.68 42.39 -5.36
CA ILE A 363 -1.26 42.42 -5.02
C ILE A 363 -0.50 43.10 -6.15
N ASN A 364 0.16 44.21 -5.82
CA ASN A 364 1.01 44.94 -6.76
C ASN A 364 2.41 44.92 -6.18
N LEU A 365 3.21 43.92 -6.57
CA LEU A 365 4.52 43.70 -5.98
C LEU A 365 5.53 43.56 -7.10
N LYS A 366 6.67 44.22 -6.97
CA LYS A 366 7.75 44.16 -7.95
C LYS A 366 9.03 43.73 -7.25
N ILE A 367 9.71 42.74 -7.82
CA ILE A 367 11.02 42.31 -7.35
C ILE A 367 12.05 42.68 -8.40
N PRO A 368 12.82 43.74 -8.22
CA PRO A 368 13.78 44.17 -9.24
C PRO A 368 14.90 43.17 -9.41
N ALA A 369 15.51 43.20 -10.59
CA ALA A 369 16.60 42.27 -10.89
C ALA A 369 17.80 42.54 -10.00
N GLY A 370 18.32 41.49 -9.38
CA GLY A 370 19.48 41.61 -8.53
C GLY A 370 19.22 42.25 -7.19
N LYS A 371 17.97 42.45 -6.82
CA LYS A 371 17.60 43.09 -5.55
C LYS A 371 16.95 42.05 -4.64
N THR A 372 16.86 42.41 -3.36
CA THR A 372 16.25 41.56 -2.35
C THR A 372 15.00 42.23 -1.81
N VAL A 373 13.89 41.50 -1.84
CA VAL A 373 12.61 41.99 -1.32
C VAL A 373 12.21 41.08 -0.17
N ALA A 374 11.97 41.66 1.00
CA ALA A 374 11.62 40.93 2.20
C ALA A 374 10.11 40.96 2.39
N LEU A 375 9.48 39.79 2.42
CA LEU A 375 8.06 39.68 2.69
C LEU A 375 7.84 39.52 4.18
N VAL A 376 7.22 40.53 4.78
CA VAL A 376 6.97 40.49 6.24
C VAL A 376 5.45 40.38 6.42
N GLY A 377 5.02 39.68 7.46
CA GLY A 377 3.58 39.49 7.69
C GLY A 377 3.36 38.32 8.63
N ARG A 378 2.13 38.15 9.12
CA ARG A 378 1.82 37.06 10.09
C ARG A 378 1.58 35.76 9.32
N SER A 379 1.46 34.65 10.03
CA SER A 379 1.14 33.36 9.37
C SER A 379 -0.27 33.42 8.80
N GLY A 380 -0.46 32.95 7.57
CA GLY A 380 -1.75 33.05 6.94
C GLY A 380 -2.02 34.35 6.21
N SER A 381 -1.05 35.27 6.17
CA SER A 381 -1.25 36.53 5.49
C SER A 381 -1.25 36.37 3.99
N GLY A 382 -0.32 35.59 3.44
CA GLY A 382 -0.27 35.37 2.01
C GLY A 382 1.11 35.33 1.39
N LYS A 383 2.16 35.49 2.20
CA LYS A 383 3.52 35.45 1.67
C LYS A 383 3.83 34.08 1.07
N SER A 384 3.44 33.01 1.77
CA SER A 384 3.64 31.68 1.23
C SER A 384 2.84 31.49 -0.06
N THR A 385 1.67 32.11 -0.13
CA THR A 385 0.89 32.09 -1.36
C THR A 385 1.63 32.79 -2.50
N ILE A 386 2.29 33.92 -2.21
CA ILE A 386 3.09 34.61 -3.22
C ILE A 386 4.22 33.70 -3.72
N ALA A 387 4.90 33.04 -2.78
CA ALA A 387 5.98 32.13 -3.17
C ALA A 387 5.46 30.99 -4.03
N SER A 388 4.28 30.45 -3.71
CA SER A 388 3.72 29.36 -4.50
C SER A 388 3.27 29.84 -5.87
N LEU A 389 2.81 31.09 -5.96
CA LEU A 389 2.34 31.60 -7.25
C LEU A 389 3.51 31.93 -8.18
N ILE A 390 4.66 32.31 -7.62
CA ILE A 390 5.81 32.62 -8.46
C ILE A 390 6.24 31.39 -9.25
N THR A 391 6.22 30.22 -8.62
CA THR A 391 6.60 28.97 -9.26
C THR A 391 5.42 28.29 -9.97
N ARG A 392 4.26 28.95 -10.02
CA ARG A 392 3.08 28.45 -10.73
C ARG A 392 2.63 27.09 -10.21
N PHE A 393 2.78 26.87 -8.91
CA PHE A 393 2.10 25.73 -8.30
C PHE A 393 0.59 25.95 -8.32
N TYR A 394 0.15 27.20 -8.34
CA TYR A 394 -1.24 27.56 -8.51
C TYR A 394 -1.34 28.66 -9.55
N ASP A 395 -2.48 28.69 -10.25
CA ASP A 395 -2.75 29.72 -11.25
C ASP A 395 -3.61 30.81 -10.62
N ILE A 396 -3.23 32.07 -10.85
CA ILE A 396 -3.93 33.19 -10.24
C ILE A 396 -5.29 33.37 -10.89
N ASP A 397 -6.27 33.81 -10.09
CA ASP A 397 -7.61 34.05 -10.62
C ASP A 397 -7.66 35.30 -11.48
N GLU A 398 -7.03 36.39 -11.01
CA GLU A 398 -7.08 37.66 -11.70
C GLU A 398 -5.70 38.31 -11.66
N GLY A 399 -5.45 39.19 -12.61
CA GLY A 399 -4.15 39.84 -12.71
C GLY A 399 -3.15 39.00 -13.48
N GLU A 400 -1.90 39.46 -13.46
CA GLU A 400 -0.83 38.76 -14.14
C GLU A 400 0.47 38.90 -13.36
N ILE A 401 1.34 37.91 -13.49
CA ILE A 401 2.68 37.94 -12.92
C ILE A 401 3.67 37.91 -14.08
N LEU A 402 4.51 38.92 -14.17
CA LEU A 402 5.42 39.08 -15.30
C LEU A 402 6.83 38.67 -14.91
N MET A 403 7.41 37.75 -15.69
CA MET A 403 8.83 37.41 -15.60
C MET A 403 9.48 37.80 -16.91
N ASP A 404 10.47 38.69 -16.84
CA ASP A 404 11.15 39.23 -18.03
C ASP A 404 10.16 39.94 -18.96
N GLY A 405 9.11 40.53 -18.38
CA GLY A 405 8.15 41.28 -19.16
C GLY A 405 6.99 40.48 -19.74
N HIS A 406 6.99 39.17 -19.58
CA HIS A 406 5.95 38.31 -20.11
C HIS A 406 5.28 37.54 -18.97
N ASP A 407 4.01 37.21 -19.17
CA ASP A 407 3.24 36.54 -18.13
C ASP A 407 3.78 35.14 -17.88
N LEU A 408 3.65 34.68 -16.63
CA LEU A 408 4.13 33.36 -16.25
C LEU A 408 3.43 32.25 -17.01
N ARG A 409 2.20 32.47 -17.47
CA ARG A 409 1.44 31.45 -18.18
C ARG A 409 1.85 31.31 -19.63
N GLU A 410 2.71 32.18 -20.13
CA GLU A 410 3.22 32.09 -21.49
C GLU A 410 4.45 31.23 -21.62
N TYR A 411 5.22 31.07 -20.55
CA TYR A 411 6.40 30.22 -20.57
C TYR A 411 6.02 28.78 -20.32
N THR A 412 6.87 27.87 -20.80
CA THR A 412 6.72 26.46 -20.45
C THR A 412 7.02 26.27 -18.96
N LEU A 413 6.37 25.26 -18.37
CA LEU A 413 6.54 25.03 -16.94
C LEU A 413 7.98 24.66 -16.61
N ALA A 414 8.61 23.85 -17.46
CA ALA A 414 9.98 23.41 -17.19
C ALA A 414 10.95 24.59 -17.23
N SER A 415 10.88 25.40 -18.29
CA SER A 415 11.77 26.54 -18.38
C SER A 415 11.49 27.57 -17.30
N LEU A 416 10.22 27.77 -16.96
CA LEU A 416 9.86 28.68 -15.89
C LEU A 416 10.45 28.24 -14.57
N ARG A 417 10.33 26.95 -14.25
CA ARG A 417 10.81 26.44 -12.97
C ARG A 417 12.32 26.26 -12.95
N ASN A 418 12.98 26.27 -14.12
CA ASN A 418 14.43 26.27 -14.14
C ASN A 418 15.01 27.60 -13.67
N GLN A 419 14.19 28.65 -13.56
CA GLN A 419 14.67 29.95 -13.16
C GLN A 419 14.57 30.22 -11.67
N VAL A 420 13.80 29.42 -10.95
CA VAL A 420 13.49 29.68 -9.54
C VAL A 420 14.15 28.63 -8.68
N ALA A 421 14.83 29.07 -7.62
CA ALA A 421 15.44 28.18 -6.63
C ALA A 421 14.74 28.39 -5.30
N LEU A 422 14.27 27.30 -4.71
CA LEU A 422 13.55 27.34 -3.43
C LEU A 422 14.47 26.82 -2.34
N VAL A 423 14.84 27.69 -1.41
CA VAL A 423 15.69 27.33 -0.28
C VAL A 423 14.88 27.52 0.99
N SER A 424 14.84 26.48 1.82
CA SER A 424 14.06 26.51 3.05
C SER A 424 14.69 25.56 4.05
N GLN A 425 14.27 25.69 5.32
CA GLN A 425 14.77 24.79 6.35
C GLN A 425 14.35 23.35 6.08
N ASN A 426 13.10 23.14 5.68
CA ASN A 426 12.61 21.80 5.38
C ASN A 426 13.06 21.40 3.98
N VAL A 427 13.94 20.41 3.91
CA VAL A 427 14.54 19.97 2.65
C VAL A 427 14.18 18.51 2.44
N HIS A 428 13.73 18.16 1.24
CA HIS A 428 13.43 16.79 0.89
C HIS A 428 14.69 16.16 0.29
N LEU A 429 15.12 15.04 0.87
CA LEU A 429 16.32 14.34 0.41
C LEU A 429 15.90 13.14 -0.42
N PHE A 430 16.29 13.15 -1.69
CA PHE A 430 16.01 12.01 -2.56
C PHE A 430 16.95 10.86 -2.22
N ASN A 431 16.44 9.64 -2.33
CA ASN A 431 17.19 8.46 -1.94
C ASN A 431 18.29 8.26 -2.98
N ASP A 432 19.47 8.81 -2.70
CA ASP A 432 20.59 8.78 -3.63
C ASP A 432 21.83 9.33 -2.93
N THR A 433 22.96 9.40 -3.62
CA THR A 433 24.17 9.90 -3.01
C THR A 433 24.08 11.41 -2.79
N VAL A 434 25.00 11.93 -1.97
CA VAL A 434 25.00 13.35 -1.64
C VAL A 434 25.28 14.19 -2.88
N ALA A 435 26.25 13.77 -3.69
CA ALA A 435 26.55 14.49 -4.92
C ALA A 435 25.38 14.43 -5.88
N ASN A 436 24.68 13.30 -5.93
CA ASN A 436 23.51 13.18 -6.79
C ASN A 436 22.35 14.03 -6.28
N ASN A 437 22.32 14.30 -4.97
CA ASN A 437 21.31 15.21 -4.45
C ASN A 437 21.67 16.67 -4.76
N ILE A 438 22.94 17.02 -4.67
CA ILE A 438 23.37 18.37 -5.02
C ILE A 438 23.12 18.63 -6.50
N ALA A 439 23.43 17.66 -7.35
CA ALA A 439 23.21 17.77 -8.79
C ALA A 439 21.94 17.05 -9.22
N TYR A 440 20.88 17.11 -8.40
CA TYR A 440 19.64 16.41 -8.70
C TYR A 440 19.08 16.85 -10.04
N ALA A 441 18.67 15.87 -10.85
CA ALA A 441 18.11 16.03 -12.19
C ALA A 441 19.10 16.61 -13.18
N ARG A 442 20.34 16.88 -12.78
CA ARG A 442 21.32 17.49 -13.66
C ARG A 442 22.70 16.85 -13.48
N THR A 443 22.73 15.56 -13.14
CA THR A 443 23.99 14.87 -12.90
C THR A 443 24.86 14.85 -14.16
N GLU A 444 24.25 14.61 -15.32
CA GLU A 444 25.00 14.54 -16.56
C GLU A 444 25.55 15.90 -16.98
N GLN A 445 25.06 16.98 -16.39
CA GLN A 445 25.47 18.32 -16.77
C GLN A 445 26.62 18.86 -15.92
N TYR A 446 26.66 18.53 -14.64
CA TYR A 446 27.65 19.03 -13.70
C TYR A 446 28.63 17.93 -13.32
N SER A 447 29.92 18.26 -13.34
CA SER A 447 30.97 17.32 -13.02
C SER A 447 31.18 17.22 -11.51
N ARG A 448 32.03 16.29 -11.09
CA ARG A 448 32.27 16.12 -9.63
C ARG A 448 33.09 17.30 -9.11
N GLU A 449 33.94 17.89 -9.96
CA GLU A 449 34.68 19.07 -9.51
C GLU A 449 33.73 20.23 -9.22
N GLN A 450 32.76 20.46 -10.10
CA GLN A 450 31.78 21.52 -9.87
C GLN A 450 30.94 21.24 -8.63
N ILE A 451 30.55 19.98 -8.43
CA ILE A 451 29.76 19.62 -7.25
C ILE A 451 30.57 19.89 -5.98
N GLU A 452 31.85 19.50 -5.98
CA GLU A 452 32.69 19.75 -4.83
C GLU A 452 32.88 21.24 -4.58
N GLU A 453 33.05 22.02 -5.64
CA GLU A 453 33.18 23.47 -5.48
C GLU A 453 31.92 24.07 -4.88
N ALA A 454 30.75 23.64 -5.35
CA ALA A 454 29.49 24.15 -4.82
C ALA A 454 29.31 23.76 -3.36
N ALA A 455 29.63 22.51 -3.01
CA ALA A 455 29.51 22.07 -1.63
C ALA A 455 30.47 22.82 -0.73
N ARG A 456 31.68 23.11 -1.21
CA ARG A 456 32.63 23.91 -0.45
C ARG A 456 32.11 25.32 -0.25
N MET A 457 31.55 25.92 -1.30
CA MET A 457 31.06 27.30 -1.21
C MET A 457 29.85 27.39 -0.28
N ALA A 458 29.06 26.32 -0.18
CA ALA A 458 27.92 26.30 0.73
C ALA A 458 28.32 25.92 2.15
N TYR A 459 29.62 25.88 2.43
CA TYR A 459 30.15 25.53 3.78
C TYR A 459 29.58 24.19 4.20
N ALA A 460 29.54 23.21 3.29
CA ALA A 460 28.95 21.89 3.59
C ALA A 460 29.99 20.78 3.47
N MET A 461 31.17 21.07 2.92
CA MET A 461 32.17 20.01 2.66
C MET A 461 32.61 19.38 3.99
N ASP A 462 32.65 20.17 5.06
CA ASP A 462 33.12 19.66 6.37
C ASP A 462 32.30 18.44 6.80
N PHE A 463 30.97 18.56 6.86
CA PHE A 463 30.14 17.44 7.37
C PHE A 463 30.07 16.32 6.34
N ILE A 464 30.19 16.65 5.05
CA ILE A 464 30.18 15.62 3.98
C ILE A 464 31.48 14.81 4.10
N ASN A 465 32.60 15.48 4.35
CA ASN A 465 33.90 14.78 4.49
C ASN A 465 33.94 14.00 5.81
N LYS A 466 33.01 14.29 6.74
CA LYS A 466 32.95 13.55 7.99
C LYS A 466 32.00 12.35 7.93
N MET A 467 31.78 11.84 6.72
CA MET A 467 30.86 10.69 6.51
C MET A 467 31.67 9.49 6.04
N ASP A 468 31.01 8.39 5.67
CA ASP A 468 31.67 7.17 5.24
C ASP A 468 32.30 7.31 3.86
N ASN A 469 31.52 7.78 2.88
CA ASN A 469 32.01 7.90 1.51
C ASN A 469 32.04 9.35 1.03
N GLY A 470 31.85 10.30 1.92
CA GLY A 470 31.87 11.69 1.51
C GLY A 470 30.72 12.01 0.57
N LEU A 471 31.06 12.48 -0.62
CA LEU A 471 30.07 12.85 -1.62
C LEU A 471 29.35 11.65 -2.23
N ASP A 472 29.83 10.43 -1.99
CA ASP A 472 29.19 9.23 -2.49
C ASP A 472 28.35 8.52 -1.45
N THR A 473 28.17 9.11 -0.27
CA THR A 473 27.33 8.51 0.77
C THR A 473 25.87 8.56 0.33
N VAL A 474 25.22 7.41 0.33
CA VAL A 474 23.82 7.34 -0.09
C VAL A 474 22.95 7.85 1.05
N ILE A 475 22.32 9.00 0.84
CA ILE A 475 21.43 9.60 1.82
C ILE A 475 20.00 9.52 1.30
N GLY A 476 19.06 9.87 2.15
CA GLY A 476 17.66 9.90 1.75
C GLY A 476 16.78 10.06 2.97
N GLU A 477 15.48 10.18 2.69
CA GLU A 477 14.50 10.28 3.77
C GLU A 477 14.43 8.99 4.58
N ASN A 478 14.78 7.86 3.98
CA ASN A 478 14.81 6.56 4.67
C ASN A 478 16.24 6.05 4.64
N GLY A 479 16.93 6.19 5.77
CA GLY A 479 18.32 5.80 5.86
C GLY A 479 19.18 6.86 6.49
N VAL A 480 20.35 7.12 5.91
CA VAL A 480 21.25 8.16 6.42
C VAL A 480 20.60 9.52 6.20
N LEU A 481 20.17 10.16 7.27
CA LEU A 481 19.54 11.47 7.21
C LEU A 481 20.43 12.50 7.89
N LEU A 482 20.08 13.76 7.72
CA LEU A 482 20.86 14.88 8.22
C LEU A 482 19.97 15.80 9.04
N SER A 483 20.60 16.56 9.93
CA SER A 483 19.86 17.53 10.72
C SER A 483 19.40 18.69 9.85
N GLY A 484 18.60 19.57 10.44
CA GLY A 484 17.99 20.65 9.66
C GLY A 484 19.02 21.55 9.00
N GLY A 485 20.12 21.82 9.70
CA GLY A 485 21.15 22.67 9.12
C GLY A 485 21.87 22.02 7.96
N GLN A 486 22.17 20.72 8.08
CA GLN A 486 22.93 20.04 7.03
C GLN A 486 22.15 19.95 5.73
N ARG A 487 20.86 19.61 5.81
CA ARG A 487 20.05 19.58 4.59
C ARG A 487 19.86 20.97 4.01
N GLN A 488 19.76 22.00 4.86
CA GLN A 488 19.67 23.36 4.35
C GLN A 488 20.94 23.74 3.60
N ARG A 489 22.10 23.36 4.12
CA ARG A 489 23.36 23.63 3.42
C ARG A 489 23.46 22.82 2.13
N ILE A 490 22.94 21.60 2.12
CA ILE A 490 22.88 20.83 0.87
C ILE A 490 22.01 21.55 -0.16
N ALA A 491 20.88 22.09 0.28
CA ALA A 491 20.02 22.85 -0.62
C ALA A 491 20.72 24.10 -1.13
N ILE A 492 21.49 24.78 -0.27
CA ILE A 492 22.25 25.95 -0.69
C ILE A 492 23.29 25.56 -1.73
N ALA A 493 23.96 24.42 -1.53
CA ALA A 493 24.91 23.93 -2.51
C ALA A 493 24.25 23.62 -3.84
N ARG A 494 23.06 23.00 -3.79
CA ARG A 494 22.31 22.72 -5.00
C ARG A 494 21.96 24.00 -5.74
N ALA A 495 21.51 25.02 -5.01
CA ALA A 495 21.12 26.28 -5.64
C ALA A 495 22.33 27.03 -6.18
N LEU A 496 23.48 26.91 -5.53
CA LEU A 496 24.70 27.51 -6.04
C LEU A 496 25.16 26.82 -7.31
N LEU A 497 25.08 25.49 -7.35
CA LEU A 497 25.47 24.75 -8.55
C LEU A 497 24.54 25.05 -9.70
N ARG A 498 23.23 25.12 -9.43
CA ARG A 498 22.27 25.40 -10.50
C ARG A 498 22.37 26.84 -10.99
N ASP A 499 22.75 27.77 -10.12
CA ASP A 499 22.92 29.19 -10.48
C ASP A 499 21.61 29.77 -11.01
N SER A 500 20.54 29.54 -10.27
CA SER A 500 19.22 30.01 -10.68
C SER A 500 19.11 31.52 -10.49
N PRO A 501 18.63 32.26 -11.49
CA PRO A 501 18.58 33.72 -11.36
C PRO A 501 17.67 34.22 -10.25
N ILE A 502 16.59 33.50 -9.95
CA ILE A 502 15.59 33.93 -8.98
C ILE A 502 15.63 32.99 -7.79
N LEU A 503 15.61 33.56 -6.59
CA LEU A 503 15.73 32.81 -5.35
C LEU A 503 14.55 33.13 -4.45
N ILE A 504 13.82 32.10 -4.04
CA ILE A 504 12.79 32.24 -3.02
C ILE A 504 13.33 31.61 -1.75
N LEU A 505 13.53 32.41 -0.72
CA LEU A 505 14.14 31.96 0.53
C LEU A 505 13.08 31.95 1.63
N ASP A 506 12.72 30.76 2.08
CA ASP A 506 11.81 30.59 3.21
C ASP A 506 12.66 30.47 4.47
N GLU A 507 12.67 31.53 5.28
CA GLU A 507 13.63 31.63 6.36
C GLU A 507 13.26 30.71 7.53
N ALA A 508 14.29 30.22 8.21
CA ALA A 508 14.09 29.35 9.36
C ALA A 508 13.61 30.15 10.56
N THR A 509 12.59 29.61 11.23
CA THR A 509 11.98 30.31 12.37
C THR A 509 12.74 30.09 13.67
N SER A 510 13.65 29.12 13.73
CA SER A 510 14.39 28.82 14.95
C SER A 510 15.86 28.70 14.63
N ALA A 511 16.69 29.38 15.42
CA ALA A 511 18.14 29.32 15.24
C ALA A 511 18.70 28.00 15.74
N LEU A 512 19.70 27.50 15.03
CA LEU A 512 20.40 26.28 15.39
C LEU A 512 21.61 26.61 16.26
N ASP A 513 22.48 25.63 16.45
CA ASP A 513 23.71 25.86 17.21
C ASP A 513 24.58 26.91 16.54
N THR A 514 25.56 27.43 17.29
CA THR A 514 26.33 28.56 16.82
C THR A 514 27.12 28.22 15.55
N GLU A 515 27.72 27.03 15.50
CA GLU A 515 28.52 26.65 14.35
C GLU A 515 27.66 26.52 13.09
N SER A 516 26.56 25.77 13.20
CA SER A 516 25.68 25.58 12.05
C SER A 516 25.06 26.90 11.63
N GLU A 517 24.63 27.71 12.60
CA GLU A 517 24.04 29.01 12.27
C GLU A 517 25.04 29.90 11.54
N ARG A 518 26.29 29.93 12.02
CA ARG A 518 27.30 30.75 11.38
C ARG A 518 27.58 30.27 9.96
N ALA A 519 27.70 28.95 9.78
CA ALA A 519 27.98 28.41 8.45
C ALA A 519 26.84 28.72 7.48
N ILE A 520 25.61 28.51 7.92
CA ILE A 520 24.45 28.75 7.06
C ILE A 520 24.34 30.23 6.71
N GLN A 521 24.54 31.10 7.70
CA GLN A 521 24.45 32.53 7.43
C GLN A 521 25.54 32.98 6.47
N ALA A 522 26.76 32.48 6.65
CA ALA A 522 27.85 32.84 5.75
C ALA A 522 27.55 32.38 4.33
N ALA A 523 27.06 31.14 4.18
CA ALA A 523 26.72 30.61 2.87
C ALA A 523 25.66 31.47 2.20
N LEU A 524 24.54 31.71 2.91
CA LEU A 524 23.43 32.45 2.34
C LEU A 524 23.83 33.87 1.98
N ASP A 525 24.60 34.54 2.84
CA ASP A 525 24.98 35.91 2.59
C ASP A 525 25.99 36.01 1.45
N GLU A 526 27.16 35.39 1.62
CA GLU A 526 28.24 35.59 0.66
C GLU A 526 27.91 34.97 -0.70
N LEU A 527 27.34 33.76 -0.69
CA LEU A 527 27.21 33.03 -1.94
C LEU A 527 25.81 33.12 -2.54
N GLN A 528 24.79 32.90 -1.72
CA GLN A 528 23.42 32.82 -2.23
C GLN A 528 22.88 34.20 -2.61
N LYS A 529 22.76 35.09 -1.64
CA LYS A 529 22.07 36.35 -1.85
C LYS A 529 22.91 37.33 -2.68
N ASN A 530 23.04 37.04 -3.98
CA ASN A 530 23.64 37.97 -4.93
C ASN A 530 22.84 37.98 -6.23
N ARG A 531 21.53 37.77 -6.13
CA ARG A 531 20.67 37.59 -7.29
C ARG A 531 19.32 38.20 -6.98
N THR A 532 18.35 37.98 -7.87
CA THR A 532 16.98 38.45 -7.67
C THR A 532 16.32 37.58 -6.61
N SER A 533 16.28 38.08 -5.38
CA SER A 533 15.89 37.29 -4.22
C SER A 533 14.61 37.83 -3.59
N LEU A 534 13.67 36.94 -3.32
CA LEU A 534 12.51 37.22 -2.48
C LEU A 534 12.58 36.33 -1.26
N VAL A 535 12.62 36.94 -0.08
CA VAL A 535 12.83 36.21 1.17
C VAL A 535 11.58 36.37 2.03
N ILE A 536 11.02 35.23 2.47
CA ILE A 536 9.97 35.23 3.47
C ILE A 536 10.68 35.24 4.82
N ALA A 537 10.99 36.43 5.30
CA ALA A 537 11.93 36.57 6.40
C ALA A 537 11.24 36.47 7.75
N HIS A 538 12.03 36.13 8.77
CA HIS A 538 11.53 35.95 10.12
C HIS A 538 12.33 36.68 11.19
N ARG A 539 13.60 37.01 10.93
CA ARG A 539 14.45 37.69 11.90
C ARG A 539 14.73 39.11 11.45
N LEU A 540 14.76 40.03 12.42
CA LEU A 540 14.92 41.45 12.12
C LEU A 540 16.24 41.73 11.38
N SER A 541 17.26 40.91 11.63
CA SER A 541 18.56 41.14 11.02
C SER A 541 18.48 41.10 9.50
N THR A 542 17.77 40.12 8.94
CA THR A 542 17.63 40.04 7.51
C THR A 542 16.68 41.10 6.96
N ILE A 543 15.70 41.52 7.78
CA ILE A 543 14.84 42.63 7.38
C ILE A 543 15.66 43.88 7.17
N GLU A 544 16.59 44.17 8.09
CA GLU A 544 17.37 45.39 8.02
C GLU A 544 18.35 45.39 6.86
N LYS A 545 18.68 44.22 6.31
CA LYS A 545 19.64 44.11 5.21
C LYS A 545 18.96 43.94 3.85
N ALA A 546 17.64 44.18 3.78
CA ALA A 546 16.89 44.02 2.54
C ALA A 546 16.76 45.35 1.82
N ASP A 547 16.77 45.28 0.49
CA ASP A 547 16.63 46.47 -0.34
C ASP A 547 15.22 47.04 -0.30
N GLU A 548 14.21 46.19 -0.11
CA GLU A 548 12.82 46.65 -0.02
C GLU A 548 12.06 45.69 0.87
N ILE A 549 11.14 46.24 1.66
CA ILE A 549 10.33 45.47 2.60
C ILE A 549 8.87 45.65 2.23
N VAL A 550 8.15 44.53 2.15
CA VAL A 550 6.72 44.52 1.83
C VAL A 550 5.99 43.86 2.99
N VAL A 551 4.97 44.54 3.51
CA VAL A 551 4.20 44.05 4.64
C VAL A 551 2.84 43.61 4.10
N VAL A 552 2.51 42.33 4.30
CA VAL A 552 1.26 41.75 3.82
C VAL A 552 0.43 41.37 5.04
N GLU A 553 -0.80 41.88 5.11
CA GLU A 553 -1.71 41.61 6.21
C GLU A 553 -3.09 41.30 5.65
N ASP A 554 -3.62 40.12 5.99
CA ASP A 554 -4.94 39.69 5.55
C ASP A 554 -5.07 39.72 4.03
N GLY A 555 -4.02 39.30 3.33
CA GLY A 555 -4.08 39.14 1.90
C GLY A 555 -3.86 40.39 1.07
N VAL A 556 -3.53 41.52 1.69
CA VAL A 556 -3.25 42.75 0.96
C VAL A 556 -1.94 43.32 1.48
N ILE A 557 -1.26 44.10 0.64
CA ILE A 557 -0.05 44.80 1.07
C ILE A 557 -0.45 46.10 1.74
N VAL A 558 -0.01 46.28 2.99
CA VAL A 558 -0.43 47.41 3.79
C VAL A 558 0.69 48.43 3.92
N GLU A 559 1.91 48.03 3.58
CA GLU A 559 3.05 48.91 3.70
C GLU A 559 4.20 48.40 2.84
N ARG A 560 5.02 49.33 2.35
CA ARG A 560 6.16 48.99 1.52
C ARG A 560 7.20 50.10 1.62
N GLY A 561 8.47 49.72 1.61
CA GLY A 561 9.56 50.67 1.67
C GLY A 561 10.79 50.02 2.28
N THR A 562 11.69 50.87 2.75
CA THR A 562 12.91 50.43 3.41
C THR A 562 12.73 50.41 4.93
N HIS A 563 13.76 49.92 5.61
CA HIS A 563 13.70 49.80 7.07
C HIS A 563 13.50 51.16 7.73
N ASN A 564 14.35 52.12 7.39
CA ASN A 564 14.25 53.46 7.98
C ASN A 564 12.95 54.14 7.57
N ASP A 565 12.55 54.00 6.31
CA ASP A 565 11.33 54.64 5.83
C ASP A 565 10.11 54.11 6.57
N LEU A 566 10.03 52.79 6.74
CA LEU A 566 8.88 52.20 7.41
C LEU A 566 8.90 52.49 8.90
N LEU A 567 10.09 52.60 9.49
CA LEU A 567 10.18 53.05 10.89
C LEU A 567 9.66 54.48 11.03
N GLU A 568 10.00 55.35 10.08
CA GLU A 568 9.54 56.73 10.13
C GLU A 568 8.03 56.81 9.93
N HIS A 569 7.48 55.95 9.05
CA HIS A 569 6.04 56.00 8.80
C HIS A 569 5.23 55.57 10.01
N ARG A 570 5.84 54.83 10.94
CA ARG A 570 5.17 54.35 12.16
C ARG A 570 3.94 53.50 11.81
N GLY A 571 4.09 52.61 10.84
CA GLY A 571 3.01 51.75 10.39
C GLY A 571 3.03 50.40 11.09
N VAL A 572 2.54 49.39 10.36
CA VAL A 572 2.50 48.03 10.90
C VAL A 572 3.90 47.52 11.16
N TYR A 573 4.83 47.77 10.23
CA TYR A 573 6.20 47.30 10.41
C TYR A 573 6.84 47.93 11.64
N ALA A 574 6.42 49.15 12.01
CA ALA A 574 6.96 49.77 13.21
C ALA A 574 6.62 48.95 14.44
N GLN A 575 5.36 48.54 14.59
CA GLN A 575 4.96 47.71 15.73
C GLN A 575 5.64 46.35 15.66
N LEU A 576 5.72 45.77 14.45
CA LEU A 576 6.33 44.44 14.33
C LEU A 576 7.81 44.47 14.69
N HIS A 577 8.52 45.52 14.27
CA HIS A 577 9.92 45.68 14.66
C HIS A 577 10.02 45.97 16.15
N LYS A 578 9.03 46.66 16.72
CA LYS A 578 9.03 46.91 18.15
C LYS A 578 8.96 45.61 18.95
N MET A 579 8.08 44.69 18.55
CA MET A 579 7.92 43.48 19.36
C MET A 579 9.03 42.48 19.06
N GLN A 580 9.80 42.72 18.00
CA GLN A 580 11.02 41.96 17.74
C GLN A 580 12.12 42.38 18.70
N LEU B 8 12.61 -22.11 10.48
CA LEU B 8 11.35 -22.84 10.60
C LEU B 8 11.05 -23.63 9.35
N SER B 9 10.69 -24.90 9.51
CA SER B 9 10.26 -25.73 8.40
C SER B 9 8.80 -25.45 8.08
N THR B 10 8.35 -25.98 6.94
CA THR B 10 6.97 -25.76 6.51
C THR B 10 5.96 -26.37 7.47
N TRP B 11 6.40 -27.27 8.35
CA TRP B 11 5.52 -27.83 9.38
C TRP B 11 5.54 -26.98 10.65
N GLN B 12 6.70 -26.42 10.99
CA GLN B 12 6.81 -25.60 12.19
C GLN B 12 6.04 -24.29 12.05
N THR B 13 6.07 -23.67 10.87
CA THR B 13 5.33 -22.42 10.68
C THR B 13 3.84 -22.68 10.48
N PHE B 14 3.47 -23.90 10.09
CA PHE B 14 2.05 -24.22 9.96
C PHE B 14 1.40 -24.43 11.33
N ARG B 15 2.15 -25.00 12.27
CA ARG B 15 1.61 -25.17 13.62
C ARG B 15 1.45 -23.85 14.34
N ARG B 16 2.19 -22.82 13.93
CA ARG B 16 1.95 -21.48 14.47
C ARG B 16 0.72 -20.85 13.84
N LEU B 17 0.43 -21.19 12.58
CA LEU B 17 -0.73 -20.64 11.89
C LEU B 17 -2.01 -21.36 12.27
N TRP B 18 -1.92 -22.58 12.78
CA TRP B 18 -3.13 -23.31 13.16
C TRP B 18 -3.95 -22.63 14.25
N PRO B 19 -3.37 -22.06 15.32
CA PRO B 19 -4.21 -21.42 16.34
C PRO B 19 -5.05 -20.25 15.84
N THR B 20 -4.66 -19.58 14.75
CA THR B 20 -5.50 -18.55 14.18
C THR B 20 -6.48 -19.08 13.14
N ILE B 21 -6.43 -20.37 12.83
CA ILE B 21 -7.45 -21.02 12.02
C ILE B 21 -8.44 -21.80 12.88
N ALA B 22 -8.03 -22.23 14.07
CA ALA B 22 -8.91 -22.99 14.95
C ALA B 22 -10.23 -22.29 15.28
N PRO B 23 -10.29 -20.97 15.49
CA PRO B 23 -11.60 -20.34 15.69
C PRO B 23 -12.54 -20.49 14.51
N PHE B 24 -12.04 -20.83 13.33
CA PHE B 24 -12.86 -20.93 12.12
C PHE B 24 -12.82 -22.32 11.51
N LYS B 25 -12.61 -23.37 12.31
CA LYS B 25 -12.58 -24.71 11.76
C LYS B 25 -13.96 -25.24 11.41
N ALA B 26 -15.02 -24.59 11.87
CA ALA B 26 -16.37 -24.99 11.48
C ALA B 26 -16.56 -24.85 9.98
N GLY B 27 -16.02 -23.78 9.40
CA GLY B 27 -16.09 -23.63 7.95
C GLY B 27 -15.35 -24.73 7.21
N LEU B 28 -14.17 -25.13 7.73
CA LEU B 28 -13.43 -26.22 7.10
C LEU B 28 -14.20 -27.53 7.19
N ILE B 29 -14.82 -27.81 8.35
CA ILE B 29 -15.59 -29.03 8.51
C ILE B 29 -16.79 -29.03 7.57
N VAL B 30 -17.50 -27.91 7.47
CA VAL B 30 -18.67 -27.85 6.61
C VAL B 30 -18.27 -27.97 5.15
N ALA B 31 -17.15 -27.36 4.76
CA ALA B 31 -16.66 -27.51 3.40
C ALA B 31 -16.29 -28.95 3.10
N GLY B 32 -15.65 -29.65 4.04
CA GLY B 32 -15.34 -31.04 3.84
C GLY B 32 -16.56 -31.92 3.69
N VAL B 33 -17.58 -31.68 4.53
CA VAL B 33 -18.81 -32.46 4.44
C VAL B 33 -19.51 -32.20 3.11
N ALA B 34 -19.54 -30.93 2.68
CA ALA B 34 -20.15 -30.60 1.40
C ALA B 34 -19.40 -31.24 0.24
N LEU B 35 -18.07 -31.28 0.31
CA LEU B 35 -17.29 -31.94 -0.73
C LEU B 35 -17.56 -33.44 -0.76
N ILE B 36 -17.71 -34.06 0.41
CA ILE B 36 -18.05 -35.48 0.45
C ILE B 36 -19.42 -35.73 -0.17
N LEU B 37 -20.40 -34.89 0.16
CA LEU B 37 -21.72 -35.02 -0.45
C LEU B 37 -21.66 -34.83 -1.95
N ASN B 38 -20.87 -33.86 -2.41
CA ASN B 38 -20.73 -33.62 -3.85
C ASN B 38 -20.10 -34.82 -4.54
N ALA B 39 -19.08 -35.42 -3.92
CA ALA B 39 -18.46 -36.61 -4.49
C ALA B 39 -19.45 -37.77 -4.57
N ALA B 40 -20.27 -37.95 -3.53
CA ALA B 40 -21.28 -39.01 -3.56
C ALA B 40 -22.31 -38.76 -4.67
N SER B 41 -22.75 -37.51 -4.81
CA SER B 41 -23.71 -37.18 -5.86
C SER B 41 -23.11 -37.42 -7.25
N ASP B 42 -21.84 -37.04 -7.43
CA ASP B 42 -21.17 -37.27 -8.72
C ASP B 42 -21.02 -38.76 -9.00
N THR B 43 -20.72 -39.55 -7.97
CA THR B 43 -20.62 -41.00 -8.15
C THR B 43 -21.96 -41.58 -8.57
N PHE B 44 -23.05 -41.17 -7.92
CA PHE B 44 -24.37 -41.65 -8.30
C PHE B 44 -24.72 -41.23 -9.72
N MET B 45 -24.40 -39.99 -10.08
CA MET B 45 -24.68 -39.50 -11.44
C MET B 45 -23.88 -40.29 -12.47
N LEU B 46 -22.62 -40.60 -12.18
CA LEU B 46 -21.81 -41.38 -13.11
C LEU B 46 -22.36 -42.79 -13.26
N SER B 47 -22.80 -43.40 -12.14
CA SER B 47 -23.40 -44.72 -12.23
C SER B 47 -24.67 -44.70 -13.07
N LEU B 48 -25.48 -43.65 -12.94
CA LEU B 48 -26.69 -43.51 -13.73
C LEU B 48 -26.42 -43.12 -15.19
N LEU B 49 -25.25 -42.55 -15.47
CA LEU B 49 -24.95 -42.00 -16.79
C LEU B 49 -24.11 -42.92 -17.67
N LYS B 50 -23.29 -43.80 -17.09
CA LYS B 50 -22.44 -44.66 -17.91
C LYS B 50 -23.21 -45.55 -18.88
N PRO B 51 -24.33 -46.21 -18.49
CA PRO B 51 -25.07 -47.01 -19.48
C PRO B 51 -25.54 -46.21 -20.68
N LEU B 52 -26.02 -44.98 -20.44
CA LEU B 52 -26.54 -44.17 -21.54
C LEU B 52 -25.43 -43.81 -22.52
N LEU B 53 -24.26 -43.44 -22.01
CA LEU B 53 -23.17 -43.03 -22.90
C LEU B 53 -22.54 -44.22 -23.61
N ASP B 54 -22.36 -45.34 -22.91
CA ASP B 54 -21.68 -46.49 -23.50
C ASP B 54 -22.62 -47.31 -24.37
N ASP B 55 -23.67 -47.88 -23.77
CA ASP B 55 -24.58 -48.73 -24.52
C ASP B 55 -25.36 -47.93 -25.56
N GLY B 56 -25.80 -46.73 -25.18
CA GLY B 56 -26.56 -45.87 -26.05
C GLY B 56 -28.05 -45.91 -25.72
N PHE B 57 -28.76 -44.96 -26.29
CA PHE B 57 -30.21 -44.87 -26.11
C PHE B 57 -30.91 -46.00 -26.84
N GLY B 58 -32.03 -46.45 -26.26
CA GLY B 58 -32.82 -47.53 -26.79
C GLY B 58 -32.73 -48.82 -25.97
N LYS B 59 -31.65 -48.99 -25.22
CA LYS B 59 -31.48 -50.13 -24.34
C LYS B 59 -31.98 -49.88 -22.92
N THR B 60 -32.46 -48.67 -22.64
CA THR B 60 -32.96 -48.31 -21.32
C THR B 60 -34.48 -48.38 -21.30
N ASP B 61 -35.02 -48.65 -20.11
CA ASP B 61 -36.47 -48.73 -19.92
C ASP B 61 -37.08 -47.37 -20.21
N ARG B 62 -38.21 -47.37 -20.93
CA ARG B 62 -38.88 -46.11 -21.26
C ARG B 62 -39.41 -45.42 -20.01
N SER B 63 -39.87 -46.21 -19.03
CA SER B 63 -40.36 -45.62 -17.78
C SER B 63 -39.23 -44.90 -17.05
N VAL B 64 -38.02 -45.46 -17.07
CA VAL B 64 -36.88 -44.80 -16.49
C VAL B 64 -36.59 -43.50 -17.23
N LEU B 65 -36.64 -43.53 -18.56
CA LEU B 65 -36.37 -42.34 -19.36
C LEU B 65 -37.40 -41.25 -19.08
N VAL B 66 -38.60 -41.63 -18.64
CA VAL B 66 -39.60 -40.63 -18.28
C VAL B 66 -39.14 -39.82 -17.06
N TRP B 67 -38.57 -40.50 -16.06
CA TRP B 67 -38.13 -39.85 -14.85
C TRP B 67 -36.69 -39.35 -14.92
N MET B 68 -35.97 -39.62 -16.00
CA MET B 68 -34.60 -39.15 -16.13
C MET B 68 -34.43 -37.63 -16.07
N PRO B 69 -35.23 -36.81 -16.78
CA PRO B 69 -35.00 -35.36 -16.70
C PRO B 69 -35.11 -34.77 -15.30
N LEU B 70 -36.09 -35.26 -14.51
CA LEU B 70 -36.23 -34.77 -13.15
C LEU B 70 -35.04 -35.16 -12.29
N VAL B 71 -34.52 -36.37 -12.49
CA VAL B 71 -33.32 -36.80 -11.77
C VAL B 71 -32.13 -35.92 -12.15
N VAL B 72 -32.01 -35.58 -13.43
CA VAL B 72 -30.91 -34.72 -13.87
C VAL B 72 -31.02 -33.35 -13.21
N ILE B 73 -32.23 -32.78 -13.20
CA ILE B 73 -32.42 -31.47 -12.58
C ILE B 73 -32.11 -31.51 -11.09
N GLY B 74 -32.60 -32.54 -10.40
CA GLY B 74 -32.33 -32.65 -8.98
C GLY B 74 -30.86 -32.82 -8.66
N LEU B 75 -30.16 -33.63 -9.45
CA LEU B 75 -28.72 -33.82 -9.23
C LEU B 75 -27.96 -32.53 -9.49
N MET B 76 -28.35 -31.78 -10.52
CA MET B 76 -27.70 -30.50 -10.79
C MET B 76 -27.94 -29.51 -9.65
N ILE B 77 -29.16 -29.47 -9.11
CA ILE B 77 -29.46 -28.59 -7.99
C ILE B 77 -28.63 -29.00 -6.76
N LEU B 78 -28.54 -30.29 -6.49
CA LEU B 78 -27.74 -30.75 -5.34
C LEU B 78 -26.27 -30.41 -5.52
N ARG B 79 -25.74 -30.59 -6.72
CA ARG B 79 -24.35 -30.25 -7.00
C ARG B 79 -24.13 -28.75 -6.80
N GLY B 80 -25.07 -27.93 -7.27
CA GLY B 80 -24.94 -26.50 -7.08
C GLY B 80 -24.95 -26.09 -5.63
N ILE B 81 -25.85 -26.68 -4.84
CA ILE B 81 -25.92 -26.35 -3.42
C ILE B 81 -24.63 -26.74 -2.71
N THR B 82 -24.15 -27.96 -2.96
CA THR B 82 -22.92 -28.40 -2.30
C THR B 82 -21.72 -27.56 -2.74
N SER B 83 -21.63 -27.23 -4.02
CA SER B 83 -20.53 -26.39 -4.50
C SER B 83 -20.56 -25.01 -3.86
N TYR B 84 -21.75 -24.41 -3.77
CA TYR B 84 -21.85 -23.10 -3.13
C TYR B 84 -21.41 -23.18 -1.67
N VAL B 85 -21.88 -24.20 -0.96
CA VAL B 85 -21.54 -24.32 0.47
C VAL B 85 -20.03 -24.48 0.65
N SER B 86 -19.42 -25.35 -0.15
CA SER B 86 -17.99 -25.58 -0.03
C SER B 86 -17.18 -24.32 -0.34
N SER B 87 -17.49 -23.67 -1.46
CA SER B 87 -16.75 -22.48 -1.86
C SER B 87 -16.90 -21.38 -0.82
N TYR B 88 -18.13 -21.14 -0.36
CA TYR B 88 -18.36 -20.08 0.61
C TYR B 88 -17.62 -20.36 1.92
N CYS B 89 -17.65 -21.61 2.39
CA CYS B 89 -16.99 -21.91 3.66
C CYS B 89 -15.47 -21.78 3.54
N ILE B 90 -14.89 -22.25 2.44
CA ILE B 90 -13.45 -22.15 2.25
C ILE B 90 -13.03 -20.68 2.21
N SER B 91 -13.71 -19.88 1.40
CA SER B 91 -13.36 -18.47 1.30
C SER B 91 -13.64 -17.73 2.61
N TRP B 92 -14.67 -18.14 3.35
CA TRP B 92 -14.97 -17.53 4.64
C TRP B 92 -13.82 -17.74 5.61
N VAL B 93 -13.31 -18.98 5.69
CA VAL B 93 -12.19 -19.26 6.57
C VAL B 93 -10.96 -18.45 6.15
N SER B 94 -10.68 -18.42 4.83
CA SER B 94 -9.51 -17.69 4.36
C SER B 94 -9.61 -16.20 4.70
N GLY B 95 -10.77 -15.59 4.45
CA GLY B 95 -10.95 -14.18 4.75
C GLY B 95 -10.89 -13.88 6.23
N LYS B 96 -11.44 -14.77 7.06
CA LYS B 96 -11.36 -14.57 8.50
C LYS B 96 -9.92 -14.61 8.98
N VAL B 97 -9.13 -15.55 8.46
CA VAL B 97 -7.72 -15.63 8.85
C VAL B 97 -6.95 -14.40 8.39
N VAL B 98 -7.23 -13.93 7.17
CA VAL B 98 -6.53 -12.75 6.67
C VAL B 98 -6.88 -11.52 7.49
N MET B 99 -8.15 -11.36 7.84
CA MET B 99 -8.57 -10.24 8.68
C MET B 99 -7.94 -10.31 10.07
N THR B 100 -7.88 -11.50 10.65
CA THR B 100 -7.23 -11.67 11.95
C THR B 100 -5.75 -11.29 11.88
N MET B 101 -5.06 -11.71 10.83
CA MET B 101 -3.65 -11.37 10.68
C MET B 101 -3.46 -9.87 10.51
N ARG B 102 -4.33 -9.24 9.72
CA ARG B 102 -4.25 -7.79 9.52
C ARG B 102 -4.43 -7.05 10.84
N ARG B 103 -5.43 -7.46 11.63
CA ARG B 103 -5.68 -6.80 12.91
C ARG B 103 -4.51 -7.01 13.88
N ARG B 104 -3.95 -8.22 13.89
CA ARG B 104 -2.81 -8.47 14.78
C ARG B 104 -1.60 -7.63 14.39
N LEU B 105 -1.31 -7.53 13.09
CA LEU B 105 -0.22 -6.68 12.63
C LEU B 105 -0.46 -5.23 13.00
N PHE B 106 -1.70 -4.76 12.83
CA PHE B 106 -2.02 -3.36 13.14
C PHE B 106 -1.83 -3.08 14.62
N GLY B 107 -2.32 -3.97 15.49
CA GLY B 107 -2.14 -3.78 16.92
C GLY B 107 -0.68 -3.84 17.34
N HIS B 108 0.08 -4.78 16.76
CA HIS B 108 1.49 -4.87 17.10
C HIS B 108 2.25 -3.62 16.68
N MET B 109 1.99 -3.11 15.47
CA MET B 109 2.63 -1.87 15.04
C MET B 109 2.23 -0.72 15.94
N MET B 110 0.97 -0.68 16.36
CA MET B 110 0.50 0.34 17.28
C MET B 110 1.22 0.27 18.63
N GLY B 111 1.62 -0.92 19.07
CA GLY B 111 2.32 -1.08 20.33
C GLY B 111 3.83 -0.90 20.29
N MET B 112 4.41 -0.57 19.15
CA MET B 112 5.86 -0.47 19.03
C MET B 112 6.37 0.85 19.61
N PRO B 113 7.65 0.90 19.98
CA PRO B 113 8.20 2.14 20.53
C PRO B 113 8.30 3.24 19.48
N VAL B 114 8.52 4.46 19.97
CA VAL B 114 8.69 5.61 19.09
C VAL B 114 9.96 5.46 18.26
N SER B 115 11.01 4.90 18.86
CA SER B 115 12.27 4.73 18.13
C SER B 115 12.14 3.72 17.00
N PHE B 116 11.14 2.85 17.06
CA PHE B 116 10.95 1.86 16.00
C PHE B 116 10.59 2.51 14.68
N PHE B 117 9.84 3.61 14.72
CA PHE B 117 9.34 4.24 13.51
C PHE B 117 10.34 5.19 12.86
N ASP B 118 11.47 5.45 13.51
CA ASP B 118 12.53 6.24 12.89
C ASP B 118 13.39 5.41 11.96
N LYS B 119 13.60 4.14 12.27
CA LYS B 119 14.39 3.23 11.45
C LYS B 119 13.56 2.50 10.41
N GLN B 120 12.25 2.76 10.35
CA GLN B 120 11.34 2.06 9.46
C GLN B 120 10.75 3.02 8.44
N SER B 121 10.48 2.50 7.26
CA SER B 121 9.74 3.23 6.22
C SER B 121 8.26 2.93 6.36
N THR B 122 7.44 3.95 6.11
CA THR B 122 5.99 3.76 6.17
C THR B 122 5.51 2.77 5.13
N GLY B 123 6.07 2.82 3.92
CA GLY B 123 5.64 1.92 2.87
C GLY B 123 5.86 0.46 3.20
N THR B 124 6.93 0.17 3.94
CA THR B 124 7.20 -1.21 4.35
C THR B 124 6.08 -1.75 5.23
N LEU B 125 5.70 -0.99 6.25
CA LEU B 125 4.61 -1.41 7.14
C LEU B 125 3.28 -1.47 6.39
N LEU B 126 3.05 -0.51 5.50
CA LEU B 126 1.83 -0.52 4.71
C LEU B 126 1.73 -1.78 3.86
N SER B 127 2.84 -2.17 3.21
CA SER B 127 2.84 -3.39 2.42
C SER B 127 2.69 -4.64 3.29
N ARG B 128 3.26 -4.63 4.49
CA ARG B 128 3.06 -5.75 5.39
C ARG B 128 1.59 -5.92 5.73
N ILE B 129 0.89 -4.82 6.01
CA ILE B 129 -0.53 -4.91 6.35
C ILE B 129 -1.36 -5.30 5.13
N THR B 130 -1.09 -4.69 3.98
CA THR B 130 -1.98 -4.85 2.84
C THR B 130 -1.62 -6.04 1.97
N TYR B 131 -0.34 -6.27 1.74
CA TYR B 131 0.10 -7.32 0.82
C TYR B 131 0.48 -8.62 1.51
N ASP B 132 1.34 -8.55 2.53
CA ASP B 132 1.86 -9.77 3.14
C ASP B 132 0.77 -10.55 3.86
N SER B 133 -0.21 -9.86 4.43
CA SER B 133 -1.28 -10.54 5.15
C SER B 133 -2.19 -11.31 4.20
N GLU B 134 -2.39 -10.78 2.99
CA GLU B 134 -3.28 -11.44 2.03
C GLU B 134 -2.70 -12.76 1.54
N GLN B 135 -1.37 -12.88 1.49
CA GLN B 135 -0.74 -14.10 0.99
C GLN B 135 -0.99 -15.31 1.88
N VAL B 136 -1.40 -15.09 3.14
CA VAL B 136 -1.74 -16.20 4.02
C VAL B 136 -3.06 -16.86 3.65
N ALA B 137 -3.87 -16.21 2.82
CA ALA B 137 -5.21 -16.70 2.52
C ALA B 137 -5.18 -18.08 1.89
N SER B 138 -4.23 -18.31 0.98
CA SER B 138 -4.16 -19.59 0.28
C SER B 138 -3.90 -20.74 1.25
N SER B 139 -2.89 -20.60 2.11
CA SER B 139 -2.50 -21.67 3.01
C SER B 139 -3.40 -21.81 4.24
N SER B 140 -4.57 -21.17 4.23
CA SER B 140 -5.49 -21.23 5.36
C SER B 140 -6.61 -22.24 5.18
N SER B 141 -7.38 -22.13 4.08
CA SER B 141 -8.49 -23.04 3.85
C SER B 141 -8.35 -23.84 2.56
N GLY B 142 -8.16 -23.18 1.41
CA GLY B 142 -8.21 -23.88 0.15
C GLY B 142 -7.05 -24.84 -0.05
N ALA B 143 -5.83 -24.37 0.22
CA ALA B 143 -4.66 -25.21 0.02
C ALA B 143 -4.67 -26.40 0.96
N LEU B 144 -5.11 -26.21 2.21
CA LEU B 144 -5.17 -27.32 3.16
C LEU B 144 -6.13 -28.40 2.69
N ILE B 145 -7.32 -28.00 2.24
CA ILE B 145 -8.31 -28.97 1.78
C ILE B 145 -7.81 -29.68 0.53
N THR B 146 -7.21 -28.94 -0.40
CA THR B 146 -6.65 -29.56 -1.59
C THR B 146 -5.56 -30.56 -1.23
N VAL B 147 -4.67 -30.20 -0.30
CA VAL B 147 -3.60 -31.10 0.13
C VAL B 147 -4.20 -32.36 0.74
N VAL B 148 -5.20 -32.21 1.60
CA VAL B 148 -5.81 -33.37 2.25
C VAL B 148 -6.41 -34.30 1.21
N ARG B 149 -7.17 -33.74 0.27
CA ARG B 149 -7.83 -34.57 -0.74
C ARG B 149 -6.82 -35.31 -1.62
N GLU B 150 -5.81 -34.58 -2.12
CA GLU B 150 -4.86 -35.21 -3.02
C GLU B 150 -3.97 -36.21 -2.30
N GLY B 151 -3.58 -35.91 -1.05
CA GLY B 151 -2.83 -36.87 -0.28
C GLY B 151 -3.62 -38.13 0.01
N ALA B 152 -4.92 -37.98 0.32
CA ALA B 152 -5.76 -39.15 0.54
C ALA B 152 -5.86 -39.99 -0.73
N SER B 153 -6.04 -39.33 -1.88
CA SER B 153 -6.09 -40.07 -3.14
C SER B 153 -4.78 -40.81 -3.41
N ILE B 154 -3.65 -40.15 -3.18
CA ILE B 154 -2.35 -40.77 -3.43
C ILE B 154 -2.12 -41.96 -2.50
N ILE B 155 -2.46 -41.80 -1.22
CA ILE B 155 -2.27 -42.88 -0.27
C ILE B 155 -3.17 -44.07 -0.62
N GLY B 156 -4.44 -43.80 -0.95
CA GLY B 156 -5.32 -44.88 -1.36
C GLY B 156 -4.83 -45.61 -2.59
N LEU B 157 -4.31 -44.86 -3.57
CA LEU B 157 -3.76 -45.49 -4.77
C LEU B 157 -2.54 -46.32 -4.43
N PHE B 158 -1.69 -45.85 -3.51
CA PHE B 158 -0.54 -46.65 -3.08
C PHE B 158 -0.99 -47.96 -2.43
N ILE B 159 -1.99 -47.90 -1.55
CA ILE B 159 -2.48 -49.13 -0.91
C ILE B 159 -3.05 -50.08 -1.94
N MET B 160 -3.82 -49.56 -2.91
CA MET B 160 -4.34 -50.42 -3.97
C MET B 160 -3.21 -51.04 -4.78
N MET B 161 -2.18 -50.26 -5.09
CA MET B 161 -1.08 -50.75 -5.92
C MET B 161 -0.33 -51.87 -5.21
N PHE B 162 -0.06 -51.71 -3.91
CA PHE B 162 0.59 -52.78 -3.17
C PHE B 162 -0.35 -53.95 -2.87
N TYR B 163 -1.67 -53.72 -2.91
CA TYR B 163 -2.60 -54.82 -2.74
C TYR B 163 -2.63 -55.71 -3.98
N TYR B 164 -2.67 -55.09 -5.16
CA TYR B 164 -2.74 -55.87 -6.40
C TYR B 164 -1.40 -56.54 -6.70
N SER B 165 -0.31 -55.76 -6.73
CA SER B 165 1.02 -56.29 -7.03
C SER B 165 2.03 -55.53 -6.19
N TRP B 166 2.57 -56.19 -5.16
CA TRP B 166 3.56 -55.54 -4.32
C TRP B 166 4.92 -55.46 -5.01
N GLN B 167 5.25 -56.46 -5.83
CA GLN B 167 6.55 -56.47 -6.49
C GLN B 167 6.66 -55.37 -7.54
N LEU B 168 5.58 -55.13 -8.29
CA LEU B 168 5.59 -54.02 -9.25
C LEU B 168 5.62 -52.68 -8.54
N SER B 169 5.16 -52.64 -7.29
CA SER B 169 5.05 -51.39 -6.55
C SER B 169 6.34 -50.97 -5.86
N ILE B 170 7.40 -51.78 -5.96
CA ILE B 170 8.69 -51.37 -5.40
C ILE B 170 9.22 -50.13 -6.11
N ILE B 171 8.81 -49.91 -7.36
CA ILE B 171 9.21 -48.70 -8.07
C ILE B 171 8.66 -47.47 -7.37
N LEU B 172 7.49 -47.59 -6.73
CA LEU B 172 6.97 -46.48 -5.94
C LEU B 172 7.86 -46.18 -4.75
N ILE B 173 8.32 -47.22 -4.05
CA ILE B 173 9.23 -47.05 -2.93
C ILE B 173 10.53 -46.41 -3.38
N VAL B 174 11.00 -46.76 -4.57
CA VAL B 174 12.21 -46.15 -5.13
C VAL B 174 11.99 -44.68 -5.51
N LEU B 175 10.85 -44.34 -6.10
CA LEU B 175 10.66 -43.02 -6.68
C LEU B 175 10.06 -42.00 -5.72
N ALA B 176 9.44 -42.43 -4.63
CA ALA B 176 8.89 -41.49 -3.66
C ALA B 176 9.96 -40.60 -3.02
N PRO B 177 11.13 -41.10 -2.61
CA PRO B 177 12.16 -40.18 -2.09
C PRO B 177 12.58 -39.12 -3.08
N ILE B 178 12.62 -39.45 -4.37
CA ILE B 178 13.08 -38.48 -5.38
C ILE B 178 12.09 -37.32 -5.48
N VAL B 179 10.79 -37.64 -5.59
CA VAL B 179 9.79 -36.59 -5.69
C VAL B 179 9.71 -35.80 -4.39
N SER B 180 9.93 -36.47 -3.26
CA SER B 180 9.94 -35.78 -1.97
C SER B 180 11.09 -34.77 -1.91
N ILE B 181 12.27 -35.18 -2.36
CA ILE B 181 13.43 -34.29 -2.37
C ILE B 181 13.19 -33.10 -3.28
N ALA B 182 12.64 -33.36 -4.47
CA ALA B 182 12.36 -32.28 -5.42
C ALA B 182 11.34 -31.30 -4.85
N ILE B 183 10.31 -31.84 -4.18
CA ILE B 183 9.27 -30.99 -3.60
C ILE B 183 9.87 -30.13 -2.48
N ARG B 184 10.75 -30.72 -1.66
CA ARG B 184 11.39 -29.94 -0.60
C ARG B 184 12.25 -28.81 -1.19
N VAL B 185 13.03 -29.12 -2.23
CA VAL B 185 13.90 -28.13 -2.84
C VAL B 185 13.08 -26.97 -3.41
N VAL B 186 12.01 -27.31 -4.14
CA VAL B 186 11.23 -26.26 -4.78
C VAL B 186 10.39 -25.52 -3.75
N SER B 187 10.08 -26.15 -2.62
CA SER B 187 9.37 -25.45 -1.56
C SER B 187 10.25 -24.38 -0.94
N LYS B 188 11.51 -24.72 -0.68
CA LYS B 188 12.46 -23.73 -0.20
C LYS B 188 12.62 -22.59 -1.21
N ARG B 189 12.70 -22.94 -2.49
CA ARG B 189 12.82 -21.92 -3.53
C ARG B 189 11.59 -21.01 -3.57
N PHE B 190 10.40 -21.59 -3.45
CA PHE B 190 9.16 -20.83 -3.43
C PHE B 190 9.15 -19.85 -2.27
N ARG B 191 9.55 -20.31 -1.09
CA ARG B 191 9.55 -19.44 0.07
C ARG B 191 10.53 -18.28 -0.09
N ASN B 192 11.72 -18.57 -0.65
CA ASN B 192 12.69 -17.51 -0.89
C ASN B 192 12.14 -16.48 -1.88
N ILE B 193 11.54 -16.94 -2.98
CA ILE B 193 11.00 -16.03 -3.98
C ILE B 193 9.88 -15.20 -3.39
N SER B 194 9.04 -15.80 -2.55
CA SER B 194 7.92 -15.09 -1.95
C SER B 194 8.40 -14.00 -1.01
N LYS B 195 9.44 -14.29 -0.21
CA LYS B 195 10.00 -13.25 0.65
C LYS B 195 10.59 -12.12 -0.17
N ASN B 196 11.27 -12.45 -1.27
CA ASN B 196 11.79 -11.41 -2.16
C ASN B 196 10.67 -10.56 -2.73
N MET B 197 9.56 -11.19 -3.11
CA MET B 197 8.42 -10.45 -3.66
C MET B 197 7.80 -9.53 -2.63
N GLN B 198 7.71 -9.99 -1.38
CA GLN B 198 7.21 -9.12 -0.31
C GLN B 198 8.11 -7.91 -0.13
N ASN B 199 9.42 -8.13 -0.14
CA ASN B 199 10.36 -7.03 -0.01
C ASN B 199 10.21 -6.03 -1.17
N THR B 200 10.05 -6.55 -2.39
CA THR B 200 9.93 -5.65 -3.54
C THR B 200 8.60 -4.92 -3.56
N MET B 201 7.53 -5.53 -3.06
CA MET B 201 6.27 -4.81 -2.89
C MET B 201 6.42 -3.66 -1.91
N GLY B 202 7.12 -3.91 -0.79
CA GLY B 202 7.42 -2.83 0.13
C GLY B 202 8.23 -1.73 -0.52
N GLN B 203 9.18 -2.12 -1.38
CA GLN B 203 10.00 -1.14 -2.09
C GLN B 203 9.16 -0.30 -3.06
N VAL B 204 8.22 -0.94 -3.76
CA VAL B 204 7.35 -0.21 -4.67
C VAL B 204 6.52 0.81 -3.90
N THR B 205 5.96 0.41 -2.77
CA THR B 205 5.08 1.33 -1.98
C THR B 205 5.88 2.53 -1.46
N THR B 206 7.12 2.33 -1.06
CA THR B 206 7.99 3.42 -0.53
C THR B 206 8.38 4.37 -1.65
N SER B 207 8.65 3.87 -2.85
CA SER B 207 9.08 4.71 -4.00
C SER B 207 7.96 5.66 -4.40
N ALA B 208 6.74 5.17 -4.49
CA ALA B 208 5.58 6.02 -4.82
C ALA B 208 5.34 7.02 -3.70
N GLU B 209 5.42 6.57 -2.45
CA GLU B 209 5.19 7.44 -1.26
C GLU B 209 6.25 8.55 -1.18
N GLN B 210 7.49 8.25 -1.56
CA GLN B 210 8.59 9.24 -1.52
C GLN B 210 8.42 10.28 -2.63
N MET B 211 7.87 9.87 -3.78
CA MET B 211 7.61 10.83 -4.89
C MET B 211 6.45 11.75 -4.49
N LEU B 212 5.47 11.25 -3.74
CA LEU B 212 4.28 12.05 -3.36
C LEU B 212 4.67 13.03 -2.26
N LYS B 213 5.79 12.78 -1.58
CA LYS B 213 6.28 13.66 -0.48
C LYS B 213 7.27 14.67 -1.05
N GLY B 214 7.99 14.31 -2.10
CA GLY B 214 8.92 15.26 -2.74
C GLY B 214 8.40 15.73 -4.08
N HIS B 215 7.07 15.72 -4.27
CA HIS B 215 6.43 16.12 -5.55
C HIS B 215 6.77 17.57 -5.92
N LYS B 216 6.75 18.48 -4.94
CA LYS B 216 7.06 19.91 -5.22
C LYS B 216 8.56 20.04 -5.49
N GLU B 217 9.39 19.22 -4.84
CA GLU B 217 10.81 19.23 -5.18
C GLU B 217 11.06 18.65 -6.57
N VAL B 218 10.27 17.64 -6.95
CA VAL B 218 10.34 17.12 -8.32
C VAL B 218 9.89 18.16 -9.33
N LEU B 219 8.85 18.95 -9.00
CA LEU B 219 8.42 19.99 -9.92
C LEU B 219 9.44 21.12 -10.05
N ILE B 220 10.03 21.56 -8.93
CA ILE B 220 10.91 22.72 -8.96
C ILE B 220 12.22 22.39 -9.68
N PHE B 221 12.86 21.28 -9.33
CA PHE B 221 14.16 20.92 -9.87
C PHE B 221 14.06 20.08 -11.13
N GLY B 222 12.86 19.86 -11.65
CA GLY B 222 12.72 18.89 -12.70
C GLY B 222 12.96 17.51 -12.13
N GLY B 223 13.45 16.61 -12.97
CA GLY B 223 13.67 15.27 -12.50
C GLY B 223 12.46 14.38 -12.51
N GLN B 224 11.45 14.73 -13.30
CA GLN B 224 10.41 13.74 -13.62
C GLN B 224 11.01 12.58 -14.38
N GLU B 225 12.07 12.84 -15.16
CA GLU B 225 12.76 11.78 -15.87
C GLU B 225 13.53 10.87 -14.90
N VAL B 226 14.24 11.45 -13.93
CA VAL B 226 15.02 10.64 -13.01
C VAL B 226 14.10 9.84 -12.09
N GLU B 227 12.98 10.44 -11.67
CA GLU B 227 12.01 9.69 -10.87
C GLU B 227 11.34 8.61 -11.71
N THR B 228 11.09 8.89 -12.99
CA THR B 228 10.57 7.88 -13.89
C THR B 228 11.49 6.67 -13.96
N LYS B 229 12.79 6.91 -14.16
CA LYS B 229 13.75 5.80 -14.20
C LYS B 229 13.84 5.07 -12.86
N ARG B 230 13.83 5.82 -11.76
CA ARG B 230 13.92 5.22 -10.44
C ARG B 230 12.74 4.30 -10.16
N PHE B 231 11.53 4.71 -10.56
CA PHE B 231 10.37 3.84 -10.39
C PHE B 231 10.35 2.71 -11.42
N ASP B 232 10.91 2.93 -12.61
CA ASP B 232 11.02 1.87 -13.60
C ASP B 232 11.84 0.71 -13.05
N LYS B 233 12.93 1.03 -12.35
CA LYS B 233 13.76 -0.02 -11.77
C LYS B 233 12.97 -0.90 -10.80
N VAL B 234 12.20 -0.28 -9.90
CA VAL B 234 11.47 -1.05 -8.89
C VAL B 234 10.32 -1.82 -9.51
N SER B 235 9.62 -1.22 -10.47
CA SER B 235 8.55 -1.92 -11.17
C SER B 235 9.08 -3.15 -11.88
N ASN B 236 10.21 -3.01 -12.58
CA ASN B 236 10.80 -4.16 -13.26
C ASN B 236 11.33 -5.19 -12.27
N ARG B 237 11.79 -4.75 -11.10
CA ARG B 237 12.24 -5.70 -10.09
C ARG B 237 11.08 -6.56 -9.59
N MET B 238 9.93 -5.94 -9.33
CA MET B 238 8.75 -6.73 -8.95
C MET B 238 8.31 -7.65 -10.08
N ARG B 239 8.36 -7.16 -11.32
CA ARG B 239 8.05 -8.01 -12.47
C ARG B 239 8.94 -9.25 -12.50
N LEU B 240 10.25 -9.05 -12.33
CA LEU B 240 11.18 -10.17 -12.46
C LEU B 240 11.08 -11.12 -11.27
N GLN B 241 10.69 -10.62 -10.09
CA GLN B 241 10.45 -11.53 -8.97
C GLN B 241 9.24 -12.42 -9.22
N GLY B 242 8.14 -11.81 -9.69
CA GLY B 242 6.99 -12.63 -10.05
C GLY B 242 7.32 -13.65 -11.12
N MET B 243 8.16 -13.27 -12.07
CA MET B 243 8.54 -14.20 -13.12
C MET B 243 9.45 -15.30 -12.60
N LYS B 244 10.28 -15.00 -11.60
CA LYS B 244 11.05 -16.05 -10.93
C LYS B 244 10.12 -17.08 -10.29
N MET B 245 9.06 -16.61 -9.64
CA MET B 245 8.09 -17.52 -9.05
C MET B 245 7.45 -18.40 -10.12
N VAL B 246 7.03 -17.79 -11.22
CA VAL B 246 6.39 -18.54 -12.30
C VAL B 246 7.35 -19.58 -12.87
N SER B 247 8.60 -19.19 -13.10
CA SER B 247 9.58 -20.12 -13.65
C SER B 247 9.86 -21.28 -12.70
N ALA B 248 9.93 -20.99 -11.40
CA ALA B 248 10.12 -22.06 -10.42
C ALA B 248 8.99 -23.07 -10.48
N SER B 249 7.74 -22.58 -10.51
CA SER B 249 6.60 -23.49 -10.58
C SER B 249 6.61 -24.30 -11.88
N SER B 250 6.89 -23.63 -13.00
CA SER B 250 6.78 -24.26 -14.30
C SER B 250 7.95 -25.18 -14.60
N ILE B 251 9.04 -25.08 -13.83
CA ILE B 251 10.11 -26.07 -13.92
C ILE B 251 9.84 -27.22 -12.96
N SER B 252 9.25 -26.92 -11.80
CA SER B 252 9.02 -27.97 -10.80
C SER B 252 7.98 -28.97 -11.28
N ASP B 253 6.83 -28.50 -11.76
CA ASP B 253 5.74 -29.43 -12.06
C ASP B 253 6.10 -30.46 -13.14
N PRO B 254 6.64 -30.08 -14.30
CA PRO B 254 7.00 -31.10 -15.29
C PRO B 254 8.04 -32.10 -14.81
N ILE B 255 8.98 -31.68 -13.96
CA ILE B 255 9.99 -32.60 -13.47
C ILE B 255 9.35 -33.64 -12.55
N ILE B 256 8.45 -33.22 -11.67
CA ILE B 256 7.72 -34.17 -10.84
C ILE B 256 6.93 -35.13 -11.70
N GLN B 257 6.27 -34.61 -12.75
CA GLN B 257 5.49 -35.48 -13.62
C GLN B 257 6.36 -36.49 -14.36
N LEU B 258 7.55 -36.08 -14.79
CA LEU B 258 8.47 -36.99 -15.45
C LEU B 258 8.96 -38.07 -14.50
N ILE B 259 9.31 -37.70 -13.26
CA ILE B 259 9.72 -38.70 -12.28
C ILE B 259 8.58 -39.67 -11.99
N ALA B 260 7.34 -39.16 -11.97
CA ALA B 260 6.19 -40.05 -11.78
C ALA B 260 6.02 -41.01 -12.94
N SER B 261 6.15 -40.51 -14.17
CA SER B 261 6.03 -41.35 -15.36
C SER B 261 7.17 -42.34 -15.51
N LEU B 262 8.28 -42.12 -14.79
CA LEU B 262 9.33 -43.13 -14.73
C LEU B 262 8.78 -44.46 -14.21
N ALA B 263 7.79 -44.41 -13.31
CA ALA B 263 7.17 -45.63 -12.83
C ALA B 263 6.40 -46.34 -13.94
N LEU B 264 5.66 -45.60 -14.76
CA LEU B 264 4.96 -46.21 -15.88
C LEU B 264 5.96 -46.80 -16.88
N ALA B 265 7.07 -46.11 -17.10
CA ALA B 265 8.11 -46.64 -17.97
C ALA B 265 8.66 -47.96 -17.43
N PHE B 266 8.88 -48.02 -16.11
CA PHE B 266 9.35 -49.27 -15.50
C PHE B 266 8.31 -50.38 -15.65
N VAL B 267 7.04 -50.06 -15.46
CA VAL B 267 5.99 -51.08 -15.57
C VAL B 267 5.92 -51.60 -16.99
N LEU B 268 5.99 -50.71 -17.98
CA LEU B 268 5.97 -51.15 -19.38
C LEU B 268 7.20 -51.97 -19.72
N TYR B 269 8.37 -51.60 -19.20
CA TYR B 269 9.56 -52.41 -19.43
C TYR B 269 9.42 -53.79 -18.83
N ALA B 270 8.87 -53.88 -17.61
CA ALA B 270 8.69 -55.18 -16.97
C ALA B 270 7.66 -56.02 -17.70
N ALA B 271 6.64 -55.38 -18.28
CA ALA B 271 5.60 -56.10 -19.01
C ALA B 271 6.09 -56.67 -20.34
N SER B 272 7.29 -56.32 -20.79
CA SER B 272 7.81 -56.80 -22.05
C SER B 272 8.47 -58.18 -21.93
N PHE B 273 8.53 -58.74 -20.71
CA PHE B 273 9.11 -60.05 -20.49
C PHE B 273 8.00 -61.07 -20.28
N PRO B 274 7.91 -62.12 -21.09
CA PRO B 274 6.91 -63.16 -20.83
C PRO B 274 7.06 -63.81 -19.47
N SER B 275 8.29 -63.85 -18.94
CA SER B 275 8.49 -64.38 -17.59
C SER B 275 7.79 -63.51 -16.54
N VAL B 276 7.86 -62.19 -16.71
CA VAL B 276 7.29 -61.26 -15.75
C VAL B 276 5.85 -60.90 -16.10
N MET B 277 5.28 -61.55 -17.10
CA MET B 277 3.89 -61.29 -17.47
C MET B 277 2.98 -62.49 -17.20
N ASP B 278 3.45 -63.71 -17.49
CA ASP B 278 2.65 -64.89 -17.21
C ASP B 278 2.53 -65.14 -15.71
N SER B 279 3.55 -64.78 -14.93
CA SER B 279 3.49 -64.96 -13.49
C SER B 279 2.44 -64.07 -12.86
N LEU B 280 2.33 -62.82 -13.34
CA LEU B 280 1.41 -61.85 -12.77
C LEU B 280 0.03 -61.87 -13.45
N THR B 281 -0.29 -62.93 -14.18
CA THR B 281 -1.58 -63.22 -14.80
C THR B 281 -1.95 -62.24 -15.90
N ALA B 282 -1.11 -61.24 -16.19
CA ALA B 282 -1.36 -60.25 -17.25
C ALA B 282 -2.65 -59.48 -17.04
N GLY B 283 -3.24 -59.57 -15.85
CA GLY B 283 -4.46 -58.85 -15.55
C GLY B 283 -4.25 -57.86 -14.42
N THR B 284 -3.30 -58.18 -13.54
CA THR B 284 -2.92 -57.23 -12.49
C THR B 284 -2.04 -56.11 -13.04
N ILE B 285 -1.27 -56.39 -14.09
CA ILE B 285 -0.40 -55.38 -14.67
C ILE B 285 -1.21 -54.23 -15.24
N THR B 286 -2.32 -54.55 -15.92
CA THR B 286 -3.19 -53.51 -16.46
C THR B 286 -3.77 -52.65 -15.34
N VAL B 287 -4.19 -53.28 -14.24
CA VAL B 287 -4.75 -52.53 -13.12
C VAL B 287 -3.70 -51.62 -12.51
N VAL B 288 -2.46 -52.12 -12.35
CA VAL B 288 -1.39 -51.31 -11.78
C VAL B 288 -1.06 -50.13 -12.69
N PHE B 289 -1.02 -50.37 -14.00
CA PHE B 289 -0.74 -49.29 -14.95
C PHE B 289 -1.84 -48.22 -14.90
N SER B 290 -3.11 -48.65 -14.87
CA SER B 290 -4.20 -47.70 -14.75
C SER B 290 -4.14 -46.95 -13.43
N SER B 291 -3.72 -47.62 -12.36
CA SER B 291 -3.61 -46.97 -11.06
C SER B 291 -2.56 -45.87 -11.09
N MET B 292 -1.39 -46.14 -11.69
CA MET B 292 -0.37 -45.08 -11.76
C MET B 292 -0.80 -43.95 -12.69
N ILE B 293 -1.49 -44.26 -13.78
CA ILE B 293 -2.02 -43.19 -14.62
C ILE B 293 -2.99 -42.32 -13.83
N ALA B 294 -3.85 -42.95 -13.04
CA ALA B 294 -4.78 -42.20 -12.19
C ALA B 294 -4.04 -41.44 -11.09
N LEU B 295 -2.87 -41.94 -10.68
CA LEU B 295 -2.09 -41.29 -9.63
C LEU B 295 -1.34 -40.07 -10.14
N MET B 296 -1.09 -39.99 -11.44
CA MET B 296 -0.38 -38.84 -11.99
C MET B 296 -1.12 -37.52 -11.70
N ARG B 297 -2.45 -37.52 -11.84
CA ARG B 297 -3.21 -36.27 -11.69
C ARG B 297 -3.18 -35.69 -10.28
N PRO B 298 -3.47 -36.44 -9.21
CA PRO B 298 -3.41 -35.83 -7.87
C PRO B 298 -2.03 -35.32 -7.51
N LEU B 299 -0.98 -35.96 -8.01
CA LEU B 299 0.37 -35.45 -7.80
C LEU B 299 0.54 -34.07 -8.43
N LYS B 300 0.03 -33.89 -9.65
CA LYS B 300 0.09 -32.59 -10.29
C LYS B 300 -0.70 -31.55 -9.52
N SER B 301 -1.89 -31.93 -9.02
CA SER B 301 -2.67 -31.00 -8.22
C SER B 301 -1.93 -30.60 -6.94
N LEU B 302 -1.27 -31.56 -6.30
CA LEU B 302 -0.51 -31.28 -5.09
C LEU B 302 0.65 -30.33 -5.37
N THR B 303 1.38 -30.57 -6.47
CA THR B 303 2.48 -29.69 -6.81
C THR B 303 1.97 -28.30 -7.17
N ASN B 304 0.81 -28.21 -7.83
CA ASN B 304 0.25 -26.91 -8.17
C ASN B 304 -0.14 -26.13 -6.93
N VAL B 305 -0.76 -26.80 -5.95
CA VAL B 305 -1.17 -26.11 -4.73
C VAL B 305 0.04 -25.81 -3.83
N ASN B 306 1.15 -26.51 -4.04
CA ASN B 306 2.34 -26.27 -3.22
C ASN B 306 2.87 -24.84 -3.38
N ALA B 307 2.79 -24.26 -4.57
CA ALA B 307 3.30 -22.91 -4.77
C ALA B 307 2.54 -21.91 -3.92
N GLN B 308 1.21 -21.97 -3.94
CA GLN B 308 0.40 -21.08 -3.11
C GLN B 308 0.63 -21.36 -1.64
N PHE B 309 0.74 -22.64 -1.26
CA PHE B 309 0.97 -22.97 0.14
C PHE B 309 2.29 -22.41 0.63
N GLN B 310 3.31 -22.35 -0.23
CA GLN B 310 4.66 -21.88 0.21
C GLN B 310 4.72 -20.35 0.15
N ARG B 311 3.80 -19.70 -0.57
CA ARG B 311 3.74 -18.22 -0.61
C ARG B 311 3.09 -17.69 0.67
N GLY B 312 2.19 -18.47 1.28
CA GLY B 312 1.56 -18.08 2.54
C GLY B 312 2.35 -18.60 3.72
N MET B 313 3.21 -19.59 3.49
CA MET B 313 4.11 -20.10 4.56
C MET B 313 5.23 -19.10 4.73
N ALA B 314 5.72 -18.53 3.62
CA ALA B 314 6.70 -17.45 3.72
C ALA B 314 6.08 -16.19 4.33
N ALA B 315 4.85 -15.86 3.91
CA ALA B 315 4.15 -14.73 4.52
C ALA B 315 3.96 -14.95 6.01
N CYS B 316 3.57 -16.17 6.41
CA CYS B 316 3.38 -16.47 7.83
C CYS B 316 4.69 -16.36 8.59
N GLN B 317 5.78 -16.82 8.02
CA GLN B 317 7.07 -16.74 8.69
C GLN B 317 7.45 -15.28 8.96
N THR B 318 7.31 -14.43 7.94
CA THR B 318 7.62 -13.01 8.14
C THR B 318 6.67 -12.38 9.16
N LEU B 319 5.38 -12.69 9.07
CA LEU B 319 4.40 -12.10 9.98
C LEU B 319 4.65 -12.52 11.42
N PHE B 320 5.01 -13.78 11.64
CA PHE B 320 5.27 -14.25 13.00
C PHE B 320 6.59 -13.69 13.53
N THR B 321 7.57 -13.49 12.66
CA THR B 321 8.79 -12.81 13.10
C THR B 321 8.47 -11.38 13.53
N ILE B 322 7.58 -10.70 12.81
CA ILE B 322 7.16 -9.36 13.20
C ILE B 322 6.40 -9.40 14.52
N LEU B 323 5.49 -10.35 14.67
CA LEU B 323 4.64 -10.44 15.85
C LEU B 323 5.40 -10.93 17.08
N ASP B 324 6.61 -11.45 16.91
CA ASP B 324 7.47 -11.77 18.03
C ASP B 324 8.42 -10.63 18.40
N SER B 325 8.29 -9.48 17.75
CA SER B 325 9.17 -8.36 18.00
C SER B 325 8.93 -7.78 19.39
N GLU B 326 9.87 -6.95 19.83
CA GLU B 326 9.82 -6.33 21.15
C GLU B 326 9.06 -5.01 21.07
N GLN B 327 7.98 -4.90 21.82
CA GLN B 327 7.20 -3.68 21.91
C GLN B 327 7.80 -2.77 22.98
N GLU B 328 7.19 -1.62 23.20
CA GLU B 328 7.70 -0.69 24.20
C GLU B 328 7.55 -1.28 25.60
N LYS B 329 8.61 -1.16 26.39
CA LYS B 329 8.63 -1.79 27.72
C LYS B 329 7.64 -1.11 28.65
N ASP B 330 6.84 -1.93 29.35
CA ASP B 330 5.84 -1.47 30.29
C ASP B 330 5.94 -2.24 31.60
N GLU B 331 7.17 -2.38 32.11
CA GLU B 331 7.40 -3.19 33.30
C GLU B 331 6.92 -2.53 34.58
N GLY B 332 6.56 -1.25 34.55
CA GLY B 332 6.09 -0.60 35.75
C GLY B 332 4.72 -1.10 36.16
N LYS B 333 4.45 -1.06 37.47
CA LYS B 333 3.20 -1.56 38.02
C LYS B 333 2.39 -0.52 38.77
N ARG B 334 2.99 0.59 39.20
CA ARG B 334 2.23 1.62 39.88
C ARG B 334 1.24 2.27 38.92
N VAL B 335 0.10 2.69 39.46
CA VAL B 335 -0.93 3.39 38.71
C VAL B 335 -1.08 4.76 39.36
N ILE B 336 -0.69 5.82 38.63
CA ILE B 336 -0.86 7.21 39.14
C ILE B 336 -2.25 7.69 38.73
N GLU B 337 -2.99 8.31 39.66
CA GLU B 337 -4.35 8.83 39.35
C GLU B 337 -4.25 10.31 38.95
N ARG B 338 -3.53 11.11 39.75
CA ARG B 338 -3.33 12.54 39.38
C ARG B 338 -1.99 13.00 39.93
N ALA B 339 -1.08 13.40 39.04
CA ALA B 339 0.23 13.91 39.47
C ALA B 339 0.04 15.23 40.21
N THR B 340 0.19 15.23 41.53
CA THR B 340 -0.02 16.46 42.33
C THR B 340 1.32 16.95 42.86
N GLY B 341 2.42 16.38 42.36
CA GLY B 341 3.74 16.75 42.84
C GLY B 341 4.57 17.44 41.78
N ASP B 342 5.88 17.31 41.93
CA ASP B 342 6.86 17.97 41.07
C ASP B 342 7.53 16.95 40.15
N VAL B 343 7.72 17.34 38.90
CA VAL B 343 8.52 16.54 37.98
C VAL B 343 9.99 16.94 38.14
N GLU B 344 10.83 15.97 38.51
CA GLU B 344 12.22 16.26 38.85
C GLU B 344 13.14 15.42 37.98
N PHE B 345 14.11 16.08 37.35
CA PHE B 345 15.18 15.39 36.63
C PHE B 345 16.38 15.30 37.57
N ARG B 346 16.92 14.09 37.71
CA ARG B 346 18.07 13.84 38.59
C ARG B 346 19.21 13.26 37.76
N ASN B 347 20.13 14.11 37.34
CA ASN B 347 21.33 13.69 36.62
C ASN B 347 20.98 12.87 35.39
N VAL B 348 20.00 13.36 34.63
CA VAL B 348 19.45 12.60 33.52
C VAL B 348 20.35 12.77 32.30
N THR B 349 20.89 11.65 31.80
CA THR B 349 21.68 11.63 30.58
C THR B 349 20.97 10.72 29.58
N PHE B 350 20.74 11.23 28.38
CA PHE B 350 20.01 10.49 27.35
C PHE B 350 20.72 10.60 26.02
N THR B 351 20.82 9.49 25.32
CA THR B 351 21.39 9.44 23.97
C THR B 351 20.37 8.80 23.04
N TYR B 352 20.11 9.44 21.91
CA TYR B 352 19.17 8.90 20.94
C TYR B 352 19.72 7.59 20.38
N PRO B 353 18.86 6.61 20.10
CA PRO B 353 19.34 5.34 19.53
C PRO B 353 20.01 5.53 18.19
N GLY B 354 21.25 5.04 18.06
CA GLY B 354 22.02 5.17 16.85
C GLY B 354 22.91 6.39 16.79
N ARG B 355 22.74 7.33 17.70
CA ARG B 355 23.56 8.54 17.71
C ARG B 355 24.70 8.39 18.71
N ASP B 356 25.88 8.91 18.35
CA ASP B 356 27.05 8.78 19.22
C ASP B 356 27.02 9.79 20.35
N VAL B 357 26.86 11.07 20.01
CA VAL B 357 26.89 12.14 21.01
C VAL B 357 25.61 12.09 21.83
N PRO B 358 25.66 12.34 23.13
CA PRO B 358 24.43 12.37 23.95
C PRO B 358 23.60 13.60 23.63
N ALA B 359 22.27 13.41 23.62
CA ALA B 359 21.37 14.54 23.40
C ALA B 359 21.24 15.39 24.66
N LEU B 360 21.35 14.77 25.84
CA LEU B 360 21.27 15.47 27.11
C LEU B 360 22.37 14.96 28.03
N ARG B 361 22.94 15.84 28.84
CA ARG B 361 24.02 15.49 29.74
C ARG B 361 23.76 16.11 31.11
N ASN B 362 23.64 15.26 32.13
CA ASN B 362 23.58 15.69 33.53
C ASN B 362 22.50 16.76 33.75
N ILE B 363 21.30 16.48 33.24
CA ILE B 363 20.20 17.42 33.36
C ILE B 363 19.61 17.33 34.75
N ASN B 364 19.70 18.43 35.50
CA ASN B 364 19.11 18.54 36.83
C ASN B 364 18.04 19.62 36.75
N LEU B 365 16.80 19.22 36.44
CA LEU B 365 15.71 20.16 36.20
C LEU B 365 14.54 19.77 37.08
N LYS B 366 13.93 20.76 37.73
CA LYS B 366 12.78 20.55 38.60
C LYS B 366 11.63 21.40 38.11
N ILE B 367 10.46 20.78 37.96
CA ILE B 367 9.23 21.50 37.60
C ILE B 367 8.29 21.45 38.80
N PRO B 368 8.20 22.52 39.59
CA PRO B 368 7.36 22.48 40.79
C PRO B 368 5.88 22.39 40.45
N ALA B 369 5.11 21.86 41.39
CA ALA B 369 3.67 21.69 41.19
C ALA B 369 2.99 23.04 41.06
N GLY B 370 2.17 23.17 40.01
CA GLY B 370 1.43 24.40 39.80
C GLY B 370 2.25 25.57 39.32
N LYS B 371 3.48 25.34 38.89
CA LYS B 371 4.38 26.39 38.44
C LYS B 371 4.67 26.22 36.95
N THR B 372 5.31 27.24 36.37
CA THR B 372 5.67 27.24 34.96
C THR B 372 7.17 27.44 34.84
N VAL B 373 7.81 26.57 34.04
CA VAL B 373 9.23 26.68 33.75
C VAL B 373 9.41 26.78 32.25
N ALA B 374 10.19 27.76 31.81
CA ALA B 374 10.39 28.05 30.40
C ALA B 374 11.71 27.46 29.93
N LEU B 375 11.65 26.59 28.93
CA LEU B 375 12.84 26.02 28.32
C LEU B 375 13.23 26.87 27.11
N VAL B 376 14.38 27.52 27.18
CA VAL B 376 14.86 28.40 26.12
C VAL B 376 16.19 27.85 25.61
N GLY B 377 16.37 27.90 24.30
CA GLY B 377 17.60 27.42 23.70
C GLY B 377 17.44 27.31 22.20
N ARG B 378 18.56 27.09 21.54
CA ARG B 378 18.55 26.91 20.09
C ARG B 378 17.93 25.58 19.70
N SER B 379 17.53 25.47 18.44
CA SER B 379 17.01 24.21 17.94
C SER B 379 18.09 23.14 17.99
N GLY B 380 17.72 21.95 18.48
CA GLY B 380 18.67 20.88 18.68
C GLY B 380 19.40 20.92 20.00
N SER B 381 19.06 21.85 20.89
CA SER B 381 19.73 21.91 22.19
C SER B 381 19.32 20.75 23.08
N GLY B 382 18.02 20.42 23.12
CA GLY B 382 17.58 19.32 23.94
C GLY B 382 16.24 19.52 24.65
N LYS B 383 15.62 20.68 24.45
CA LYS B 383 14.33 20.93 25.08
C LYS B 383 13.26 19.97 24.57
N SER B 384 13.23 19.74 23.26
CA SER B 384 12.31 18.76 22.70
C SER B 384 12.61 17.37 23.23
N THR B 385 13.89 17.07 23.45
CA THR B 385 14.25 15.80 24.07
C THR B 385 13.71 15.69 25.48
N ILE B 386 13.76 16.78 26.25
CA ILE B 386 13.19 16.77 27.60
C ILE B 386 11.70 16.51 27.54
N ALA B 387 11.01 17.17 26.61
CA ALA B 387 9.57 16.96 26.47
C ALA B 387 9.26 15.51 26.11
N SER B 388 10.06 14.91 25.23
CA SER B 388 9.84 13.52 24.85
C SER B 388 10.13 12.57 25.99
N LEU B 389 11.12 12.91 26.83
CA LEU B 389 11.46 12.03 27.95
C LEU B 389 10.42 12.09 29.06
N ILE B 390 9.76 13.23 29.22
CA ILE B 390 8.73 13.34 30.26
C ILE B 390 7.60 12.35 30.00
N THR B 391 7.18 12.21 28.74
CA THR B 391 6.13 11.29 28.36
C THR B 391 6.64 9.88 28.08
N ARG B 392 7.92 9.62 28.32
CA ARG B 392 8.53 8.30 28.16
C ARG B 392 8.38 7.76 26.74
N PHE B 393 8.46 8.65 25.75
CA PHE B 393 8.64 8.19 24.39
C PHE B 393 10.01 7.54 24.21
N TYR B 394 10.97 7.94 25.03
CA TYR B 394 12.29 7.34 25.09
C TYR B 394 12.67 7.09 26.54
N ASP B 395 13.50 6.09 26.76
CA ASP B 395 14.00 5.76 28.09
C ASP B 395 15.39 6.35 28.26
N ILE B 396 15.62 7.01 29.41
CA ILE B 396 16.89 7.67 29.64
C ILE B 396 17.97 6.63 29.93
N ASP B 397 19.20 6.92 29.50
CA ASP B 397 20.30 5.99 29.73
C ASP B 397 20.75 6.04 31.19
N GLU B 398 20.84 7.23 31.77
CA GLU B 398 21.35 7.39 33.12
C GLU B 398 20.50 8.44 33.84
N GLY B 399 20.48 8.33 35.17
CA GLY B 399 19.68 9.22 35.98
C GLY B 399 18.26 8.72 36.12
N GLU B 400 17.42 9.56 36.71
CA GLU B 400 16.02 9.23 36.91
C GLU B 400 15.16 10.49 36.79
N ILE B 401 13.91 10.30 36.38
CA ILE B 401 12.91 11.36 36.32
C ILE B 401 11.79 10.98 37.27
N LEU B 402 11.53 11.83 38.26
CA LEU B 402 10.59 11.53 39.33
C LEU B 402 9.26 12.22 39.09
N MET B 403 8.18 11.43 39.09
CA MET B 403 6.81 11.94 39.08
C MET B 403 6.21 11.62 40.44
N ASP B 404 5.88 12.67 41.21
CA ASP B 404 5.37 12.51 42.58
C ASP B 404 6.33 11.72 43.45
N GLY B 405 7.63 11.87 43.23
CA GLY B 405 8.63 11.22 44.04
C GLY B 405 9.02 9.82 43.59
N HIS B 406 8.38 9.28 42.57
CA HIS B 406 8.70 7.96 42.05
C HIS B 406 9.15 8.06 40.60
N ASP B 407 10.03 7.15 40.20
CA ASP B 407 10.60 7.17 38.86
C ASP B 407 9.51 6.91 37.82
N LEU B 408 9.70 7.50 36.64
CA LEU B 408 8.75 7.33 35.55
C LEU B 408 8.64 5.89 35.09
N ARG B 409 9.68 5.09 35.29
CA ARG B 409 9.68 3.70 34.85
C ARG B 409 8.94 2.78 35.81
N GLU B 410 8.51 3.28 36.97
CA GLU B 410 7.74 2.50 37.92
C GLU B 410 6.24 2.55 37.66
N TYR B 411 5.76 3.61 37.01
CA TYR B 411 4.34 3.72 36.69
C TYR B 411 4.03 2.98 35.40
N THR B 412 2.76 2.60 35.25
CA THR B 412 2.30 2.07 33.98
C THR B 412 2.30 3.17 32.93
N LEU B 413 2.49 2.77 31.67
CA LEU B 413 2.55 3.75 30.60
C LEU B 413 1.24 4.49 30.44
N ALA B 414 0.11 3.77 30.56
CA ALA B 414 -1.20 4.40 30.39
C ALA B 414 -1.46 5.44 31.47
N SER B 415 -1.25 5.06 32.74
CA SER B 415 -1.48 5.99 33.83
C SER B 415 -0.50 7.16 33.77
N LEU B 416 0.75 6.89 33.42
CA LEU B 416 1.73 7.97 33.29
C LEU B 416 1.32 8.96 32.21
N ARG B 417 0.87 8.48 31.05
CA ARG B 417 0.51 9.35 29.96
C ARG B 417 -0.86 9.99 30.14
N ASN B 418 -1.66 9.49 31.08
CA ASN B 418 -2.91 10.17 31.43
C ASN B 418 -2.66 11.45 32.19
N GLN B 419 -1.44 11.67 32.69
CA GLN B 419 -1.13 12.85 33.49
C GLN B 419 -0.58 13.99 32.67
N VAL B 420 -0.16 13.76 31.43
CA VAL B 420 0.55 14.73 30.63
C VAL B 420 -0.31 15.13 29.44
N ALA B 421 -0.40 16.43 29.19
CA ALA B 421 -1.12 16.97 28.04
C ALA B 421 -0.13 17.71 27.16
N LEU B 422 -0.10 17.38 25.87
CA LEU B 422 0.81 17.99 24.92
C LEU B 422 0.00 18.93 24.03
N VAL B 423 0.34 20.21 24.06
CA VAL B 423 -0.30 21.24 23.25
C VAL B 423 0.76 21.88 22.38
N SER B 424 0.51 21.92 21.07
CA SER B 424 1.45 22.50 20.12
C SER B 424 0.68 23.00 18.91
N GLN B 425 1.37 23.75 18.07
CA GLN B 425 0.74 24.26 16.85
C GLN B 425 0.34 23.12 15.91
N ASN B 426 1.22 22.14 15.75
CA ASN B 426 0.92 20.99 14.89
C ASN B 426 0.04 20.02 15.64
N VAL B 427 -1.21 19.86 15.17
CA VAL B 427 -2.21 19.03 15.82
C VAL B 427 -2.65 17.96 14.83
N HIS B 428 -2.69 16.72 15.29
CA HIS B 428 -3.18 15.62 14.47
C HIS B 428 -4.68 15.46 14.70
N LEU B 429 -5.45 15.51 13.62
CA LEU B 429 -6.90 15.40 13.71
C LEU B 429 -7.31 13.99 13.30
N PHE B 430 -7.91 13.27 14.24
CA PHE B 430 -8.42 11.94 13.94
C PHE B 430 -9.69 12.04 13.10
N ASN B 431 -9.87 11.10 12.18
CA ASN B 431 -10.98 11.15 11.24
C ASN B 431 -12.23 10.83 12.04
N ASP B 432 -12.91 11.88 12.51
CA ASP B 432 -14.09 11.73 13.34
C ASP B 432 -14.72 13.11 13.55
N THR B 433 -15.81 13.19 14.31
CA THR B 433 -16.46 14.47 14.54
C THR B 433 -15.61 15.35 15.44
N VAL B 434 -15.96 16.64 15.48
CA VAL B 434 -15.20 17.60 16.28
C VAL B 434 -15.31 17.28 17.76
N ALA B 435 -16.52 16.95 18.23
CA ALA B 435 -16.71 16.58 19.63
C ALA B 435 -15.97 15.29 19.96
N ASN B 436 -15.95 14.35 19.02
CA ASN B 436 -15.22 13.11 19.24
C ASN B 436 -13.72 13.33 19.26
N ASN B 437 -13.25 14.39 18.59
CA ASN B 437 -11.83 14.75 18.66
C ASN B 437 -11.51 15.42 19.99
N ILE B 438 -12.41 16.28 20.47
CA ILE B 438 -12.21 16.93 21.76
C ILE B 438 -12.22 15.90 22.88
N ALA B 439 -13.14 14.94 22.82
CA ALA B 439 -13.22 13.85 23.78
C ALA B 439 -12.58 12.57 23.27
N TYR B 440 -11.47 12.69 22.54
CA TYR B 440 -10.82 11.53 21.96
C TYR B 440 -10.43 10.53 23.04
N ALA B 441 -10.74 9.26 22.79
CA ALA B 441 -10.48 8.11 23.65
C ALA B 441 -11.27 8.16 24.95
N ARG B 442 -12.09 9.18 25.16
CA ARG B 442 -12.84 9.33 26.40
C ARG B 442 -14.27 9.78 26.14
N THR B 443 -14.85 9.38 25.01
CA THR B 443 -16.19 9.81 24.64
C THR B 443 -17.22 9.31 25.65
N GLU B 444 -17.08 8.07 26.11
CA GLU B 444 -18.03 7.50 27.06
C GLU B 444 -17.94 8.16 28.43
N GLN B 445 -16.87 8.91 28.70
CA GLN B 445 -16.68 9.53 30.00
C GLN B 445 -17.22 10.96 30.08
N TYR B 446 -17.13 11.71 28.98
CA TYR B 446 -17.53 13.11 28.96
C TYR B 446 -18.80 13.28 28.13
N SER B 447 -19.74 14.06 28.66
CA SER B 447 -21.01 14.32 28.00
C SER B 447 -20.86 15.45 26.98
N ARG B 448 -21.94 15.70 26.24
CA ARG B 448 -21.88 16.77 25.20
C ARG B 448 -21.88 18.14 25.89
N GLU B 449 -22.52 18.25 27.05
CA GLU B 449 -22.49 19.53 27.76
C GLU B 449 -21.07 19.87 28.20
N GLN B 450 -20.34 18.88 28.73
CA GLN B 450 -18.94 19.12 29.12
C GLN B 450 -18.08 19.46 27.91
N ILE B 451 -18.30 18.76 26.79
CA ILE B 451 -17.53 19.05 25.58
C ILE B 451 -17.78 20.47 25.11
N GLU B 452 -19.05 20.88 25.10
CA GLU B 452 -19.38 22.23 24.67
C GLU B 452 -18.79 23.28 25.61
N GLU B 453 -18.82 23.01 26.93
CA GLU B 453 -18.22 23.93 27.88
C GLU B 453 -16.72 24.06 27.65
N ALA B 454 -16.04 22.94 27.40
CA ALA B 454 -14.60 22.97 27.14
C ALA B 454 -14.29 23.73 25.86
N ALA B 455 -15.08 23.50 24.81
CA ALA B 455 -14.88 24.20 23.54
C ALA B 455 -15.12 25.70 23.71
N ARG B 456 -16.11 26.07 24.52
CA ARG B 456 -16.38 27.50 24.78
C ARG B 456 -15.19 28.10 25.55
N MET B 457 -14.69 27.38 26.56
CA MET B 457 -13.60 27.91 27.35
C MET B 457 -12.32 28.05 26.55
N ALA B 458 -12.12 27.18 25.55
CA ALA B 458 -10.97 27.28 24.67
C ALA B 458 -11.15 28.31 23.57
N TYR B 459 -12.21 29.12 23.64
CA TYR B 459 -12.51 30.12 22.62
C TYR B 459 -12.62 29.49 21.24
N ALA B 460 -13.22 28.30 21.20
CA ALA B 460 -13.37 27.54 19.96
C ALA B 460 -14.81 27.38 19.51
N MET B 461 -15.78 27.86 20.28
CA MET B 461 -17.20 27.60 19.94
C MET B 461 -17.62 28.44 18.72
N ASP B 462 -16.91 29.53 18.44
CA ASP B 462 -17.26 30.40 17.31
C ASP B 462 -17.10 29.67 15.98
N PHE B 463 -15.87 29.27 15.65
CA PHE B 463 -15.65 28.66 14.34
C PHE B 463 -16.31 27.29 14.26
N ILE B 464 -16.47 26.61 15.39
CA ILE B 464 -17.22 25.35 15.39
C ILE B 464 -18.68 25.59 15.03
N ASN B 465 -19.28 26.64 15.59
CA ASN B 465 -20.64 27.01 15.20
C ASN B 465 -20.70 27.51 13.77
N LYS B 466 -19.57 27.94 13.19
CA LYS B 466 -19.52 28.38 11.81
C LYS B 466 -19.30 27.25 10.81
N MET B 467 -19.66 26.03 11.24
CA MET B 467 -19.48 24.82 10.38
C MET B 467 -20.86 24.28 9.99
N ASP B 468 -20.91 23.13 9.32
CA ASP B 468 -22.16 22.55 8.85
C ASP B 468 -22.97 21.95 10.00
N ASN B 469 -22.34 21.11 10.80
CA ASN B 469 -23.04 20.42 11.90
C ASN B 469 -22.50 20.80 13.26
N GLY B 470 -21.69 21.84 13.35
CA GLY B 470 -21.15 22.24 14.64
C GLY B 470 -20.22 21.18 15.19
N LEU B 471 -20.53 20.68 16.39
CA LEU B 471 -19.71 19.68 17.05
C LEU B 471 -19.83 18.30 16.44
N ASP B 472 -20.81 18.08 15.55
CA ASP B 472 -20.99 16.80 14.89
C ASP B 472 -20.38 16.76 13.49
N THR B 473 -19.68 17.81 13.08
CA THR B 473 -19.05 17.82 11.77
C THR B 473 -17.84 16.89 11.78
N VAL B 474 -17.81 15.96 10.82
CA VAL B 474 -16.71 14.99 10.74
C VAL B 474 -15.49 15.70 10.16
N ILE B 475 -14.43 15.80 10.95
CA ILE B 475 -13.18 16.39 10.52
C ILE B 475 -12.12 15.29 10.47
N GLY B 476 -10.94 15.65 9.97
CA GLY B 476 -9.84 14.71 9.93
C GLY B 476 -8.73 15.25 9.05
N GLU B 477 -7.63 14.50 9.03
CA GLU B 477 -6.51 14.84 8.16
C GLU B 477 -6.88 14.74 6.69
N ASN B 478 -7.85 13.90 6.35
CA ASN B 478 -8.33 13.73 4.97
C ASN B 478 -9.80 14.14 4.94
N GLY B 479 -10.07 15.34 4.43
CA GLY B 479 -11.41 15.86 4.41
C GLY B 479 -11.50 17.27 4.93
N VAL B 480 -12.46 17.55 5.78
CA VAL B 480 -12.61 18.88 6.38
C VAL B 480 -11.44 19.11 7.34
N LEU B 481 -10.50 19.96 6.94
CA LEU B 481 -9.35 20.29 7.77
C LEU B 481 -9.50 21.71 8.33
N LEU B 482 -8.60 22.05 9.24
CA LEU B 482 -8.65 23.32 9.94
C LEU B 482 -7.29 24.00 9.86
N SER B 483 -7.30 25.32 9.99
CA SER B 483 -6.05 26.07 9.97
C SER B 483 -5.27 25.82 11.26
N GLY B 484 -4.04 26.34 11.30
CA GLY B 484 -3.17 26.05 12.43
C GLY B 484 -3.75 26.51 13.75
N GLY B 485 -4.40 27.68 13.76
CA GLY B 485 -5.01 28.16 14.99
C GLY B 485 -6.21 27.34 15.42
N GLN B 486 -7.01 26.89 14.46
CA GLN B 486 -8.25 26.17 14.79
C GLN B 486 -7.96 24.84 15.45
N ARG B 487 -7.02 24.07 14.88
CA ARG B 487 -6.65 22.80 15.50
C ARG B 487 -5.95 23.01 16.84
N GLN B 488 -5.17 24.09 16.98
CA GLN B 488 -4.54 24.37 18.27
C GLN B 488 -5.59 24.66 19.32
N ARG B 489 -6.63 25.41 18.97
CA ARG B 489 -7.71 25.66 19.92
C ARG B 489 -8.51 24.40 20.22
N ILE B 490 -8.68 23.52 19.23
CA ILE B 490 -9.31 22.22 19.48
C ILE B 490 -8.48 21.41 20.48
N ALA B 491 -7.15 21.44 20.33
CA ALA B 491 -6.28 20.75 21.28
C ALA B 491 -6.37 21.36 22.67
N ILE B 492 -6.47 22.69 22.75
CA ILE B 492 -6.64 23.36 24.04
C ILE B 492 -7.96 22.93 24.68
N ALA B 493 -9.02 22.81 23.88
CA ALA B 493 -10.30 22.34 24.40
C ALA B 493 -10.18 20.91 24.91
N ARG B 494 -9.47 20.06 24.16
CA ARG B 494 -9.26 18.68 24.60
C ARG B 494 -8.52 18.62 25.93
N ALA B 495 -7.47 19.43 26.07
CA ALA B 495 -6.68 19.42 27.29
C ALA B 495 -7.45 20.01 28.47
N LEU B 496 -8.34 20.98 28.19
CA LEU B 496 -9.20 21.51 29.24
C LEU B 496 -10.21 20.47 29.71
N LEU B 497 -10.79 19.74 28.76
CA LEU B 497 -11.75 18.70 29.11
C LEU B 497 -11.08 17.57 29.90
N ARG B 498 -9.88 17.16 29.47
CA ARG B 498 -9.18 16.09 30.16
C ARG B 498 -8.70 16.52 31.55
N ASP B 499 -8.37 17.80 31.72
CA ASP B 499 -7.91 18.35 32.99
C ASP B 499 -6.66 17.62 33.47
N SER B 500 -5.65 17.58 32.61
CA SER B 500 -4.41 16.87 32.92
C SER B 500 -3.56 17.72 33.85
N PRO B 501 -3.03 17.14 34.93
CA PRO B 501 -2.26 17.94 35.89
C PRO B 501 -1.00 18.57 35.30
N ILE B 502 -0.37 17.92 34.33
CA ILE B 502 0.90 18.35 33.77
C ILE B 502 0.69 18.72 32.31
N LEU B 503 1.25 19.88 31.91
CA LEU B 503 1.08 20.42 30.57
C LEU B 503 2.44 20.65 29.95
N ILE B 504 2.66 20.08 28.77
CA ILE B 504 3.84 20.37 27.97
C ILE B 504 3.38 21.22 26.79
N LEU B 505 3.81 22.47 26.74
CA LEU B 505 3.39 23.41 25.72
C LEU B 505 4.55 23.68 24.77
N ASP B 506 4.42 23.20 23.54
CA ASP B 506 5.39 23.49 22.48
C ASP B 506 4.88 24.70 21.70
N GLU B 507 5.52 25.84 21.92
CA GLU B 507 4.99 27.10 21.41
C GLU B 507 5.14 27.21 19.89
N ALA B 508 4.24 27.98 19.29
CA ALA B 508 4.30 28.24 17.86
C ALA B 508 5.34 29.31 17.56
N THR B 509 6.11 29.08 16.50
CA THR B 509 7.19 29.98 16.15
C THR B 509 6.74 31.18 15.31
N SER B 510 5.51 31.17 14.81
CA SER B 510 5.01 32.26 13.97
C SER B 510 3.62 32.65 14.45
N ALA B 511 3.41 33.96 14.58
CA ALA B 511 2.11 34.45 15.01
C ALA B 511 1.09 34.41 13.87
N LEU B 512 -0.16 34.18 14.22
CA LEU B 512 -1.26 34.16 13.27
C LEU B 512 -1.94 35.53 13.23
N ASP B 513 -3.08 35.60 12.55
CA ASP B 513 -3.83 36.84 12.48
C ASP B 513 -4.28 37.31 13.87
N THR B 514 -4.75 38.55 13.94
CA THR B 514 -5.02 39.17 15.23
C THR B 514 -6.10 38.41 16.00
N GLU B 515 -7.19 38.04 15.33
CA GLU B 515 -8.29 37.37 16.02
C GLU B 515 -7.85 36.00 16.54
N SER B 516 -7.25 35.20 15.68
CA SER B 516 -6.82 33.86 16.08
C SER B 516 -5.75 33.93 17.17
N GLU B 517 -4.80 34.84 17.02
CA GLU B 517 -3.74 34.99 18.03
C GLU B 517 -4.32 35.41 19.37
N ARG B 518 -5.26 36.36 19.36
CA ARG B 518 -5.88 36.81 20.59
C ARG B 518 -6.65 35.68 21.27
N ALA B 519 -7.42 34.93 20.49
CA ALA B 519 -8.20 33.82 21.06
C ALA B 519 -7.28 32.75 21.64
N ILE B 520 -6.23 32.40 20.91
CA ILE B 520 -5.30 31.37 21.36
C ILE B 520 -4.60 31.82 22.64
N GLN B 521 -4.14 33.07 22.67
CA GLN B 521 -3.46 33.58 23.85
C GLN B 521 -4.39 33.61 25.05
N ALA B 522 -5.63 34.06 24.86
CA ALA B 522 -6.59 34.10 25.96
C ALA B 522 -6.84 32.70 26.50
N ALA B 523 -7.09 31.74 25.61
CA ALA B 523 -7.33 30.37 26.04
C ALA B 523 -6.14 29.82 26.82
N LEU B 524 -4.94 29.91 26.22
CA LEU B 524 -3.74 29.35 26.82
C LEU B 524 -3.44 29.98 28.18
N ASP B 525 -3.59 31.29 28.28
CA ASP B 525 -3.25 31.98 29.52
C ASP B 525 -4.31 31.72 30.59
N GLU B 526 -5.56 32.13 30.33
CA GLU B 526 -6.57 32.08 31.38
C GLU B 526 -6.92 30.64 31.75
N LEU B 527 -7.09 29.77 30.76
CA LEU B 527 -7.64 28.44 31.03
C LEU B 527 -6.55 27.39 31.17
N GLN B 528 -5.60 27.34 30.24
CA GLN B 528 -4.60 26.29 30.23
C GLN B 528 -3.56 26.50 31.32
N LYS B 529 -2.81 27.60 31.24
CA LYS B 529 -1.65 27.80 32.10
C LYS B 529 -2.07 28.14 33.53
N ASN B 530 -2.64 27.15 34.22
CA ASN B 530 -2.94 27.27 35.65
C ASN B 530 -2.58 25.97 36.37
N ARG B 531 -1.57 25.26 35.87
CA ARG B 531 -1.21 23.94 36.36
C ARG B 531 0.31 23.81 36.27
N THR B 532 0.81 22.59 36.46
CA THR B 532 2.24 22.31 36.35
C THR B 532 2.61 22.30 34.87
N SER B 533 3.19 23.40 34.40
CA SER B 533 3.43 23.62 32.97
C SER B 533 4.92 23.68 32.67
N LEU B 534 5.31 23.00 31.60
CA LEU B 534 6.63 23.15 31.00
C LEU B 534 6.44 23.69 29.59
N VAL B 535 6.98 24.87 29.33
CA VAL B 535 6.79 25.55 28.05
C VAL B 535 8.11 25.56 27.30
N ILE B 536 8.09 25.05 26.08
CA ILE B 536 9.20 25.22 25.14
C ILE B 536 8.93 26.54 24.42
N ALA B 537 9.36 27.63 25.02
CA ALA B 537 8.90 28.95 24.61
C ALA B 537 9.71 29.50 23.45
N HIS B 538 9.13 30.46 22.74
CA HIS B 538 9.77 31.08 21.58
C HIS B 538 9.68 32.59 21.58
N ARG B 539 8.73 33.20 22.29
CA ARG B 539 8.57 34.64 22.32
C ARG B 539 8.94 35.18 23.69
N LEU B 540 9.53 36.38 23.70
CA LEU B 540 10.04 36.96 24.94
C LEU B 540 8.92 37.17 25.96
N SER B 541 7.71 37.48 25.48
CA SER B 541 6.60 37.76 26.39
C SER B 541 6.31 36.56 27.29
N THR B 542 6.34 35.35 26.73
CA THR B 542 6.14 34.15 27.53
C THR B 542 7.27 33.98 28.54
N ILE B 543 8.50 34.28 28.14
CA ILE B 543 9.64 34.15 29.05
C ILE B 543 9.44 35.07 30.26
N GLU B 544 9.04 36.32 30.02
CA GLU B 544 8.88 37.26 31.13
C GLU B 544 7.73 36.90 32.05
N LYS B 545 6.81 36.04 31.62
CA LYS B 545 5.67 35.63 32.44
C LYS B 545 5.86 34.25 33.06
N ALA B 546 7.08 33.71 33.01
CA ALA B 546 7.35 32.37 33.53
C ALA B 546 7.96 32.46 34.93
N ASP B 547 7.67 31.44 35.74
CA ASP B 547 8.15 31.40 37.11
C ASP B 547 9.63 31.03 37.22
N GLU B 548 10.14 30.24 36.28
CA GLU B 548 11.55 29.85 36.28
C GLU B 548 12.00 29.66 34.84
N ILE B 549 13.25 29.98 34.58
CA ILE B 549 13.83 29.93 33.24
C ILE B 549 15.03 28.98 33.27
N VAL B 550 15.11 28.10 32.28
CA VAL B 550 16.23 27.19 32.12
C VAL B 550 16.76 27.33 30.69
N VAL B 551 18.07 27.50 30.56
CA VAL B 551 18.71 27.68 29.26
C VAL B 551 19.54 26.44 28.98
N VAL B 552 19.37 25.85 27.79
CA VAL B 552 20.04 24.61 27.42
C VAL B 552 20.86 24.85 26.16
N GLU B 553 22.15 24.49 26.23
CA GLU B 553 23.01 24.45 25.05
C GLU B 553 23.71 23.10 24.99
N ASP B 554 23.68 22.48 23.80
CA ASP B 554 24.41 21.24 23.55
C ASP B 554 24.04 20.14 24.54
N GLY B 555 22.78 20.15 24.98
CA GLY B 555 22.29 19.13 25.88
C GLY B 555 22.67 19.29 27.32
N VAL B 556 23.09 20.48 27.74
CA VAL B 556 23.41 20.75 29.14
C VAL B 556 22.76 22.08 29.52
N ILE B 557 22.40 22.21 30.79
CA ILE B 557 21.81 23.46 31.27
C ILE B 557 22.94 24.42 31.62
N VAL B 558 22.92 25.59 31.00
CA VAL B 558 24.04 26.53 31.10
C VAL B 558 23.69 27.67 32.04
N GLU B 559 22.40 27.91 32.26
CA GLU B 559 21.97 29.05 33.05
C GLU B 559 20.52 28.86 33.46
N ARG B 560 20.21 29.23 34.70
CA ARG B 560 18.86 29.07 35.24
C ARG B 560 18.57 30.20 36.21
N GLY B 561 17.31 30.58 36.28
CA GLY B 561 16.88 31.65 37.17
C GLY B 561 15.59 32.28 36.64
N THR B 562 15.39 33.53 37.04
CA THR B 562 14.26 34.33 36.57
C THR B 562 14.71 35.30 35.49
N HIS B 563 13.74 36.00 34.89
CA HIS B 563 14.03 36.92 33.80
C HIS B 563 14.99 38.02 34.24
N ASN B 564 14.65 38.72 35.32
CA ASN B 564 15.51 39.77 35.83
C ASN B 564 16.84 39.20 36.31
N ASP B 565 16.81 38.04 36.98
CA ASP B 565 18.04 37.44 37.47
C ASP B 565 18.98 37.08 36.33
N LEU B 566 18.43 36.51 35.25
CA LEU B 566 19.28 36.12 34.13
C LEU B 566 19.75 37.32 33.34
N LEU B 567 18.95 38.39 33.30
CA LEU B 567 19.43 39.63 32.71
C LEU B 567 20.60 40.20 33.50
N GLU B 568 20.50 40.17 34.83
CA GLU B 568 21.59 40.67 35.67
C GLU B 568 22.82 39.78 35.56
N HIS B 569 22.63 38.48 35.36
CA HIS B 569 23.75 37.55 35.27
C HIS B 569 24.62 37.83 34.05
N ARG B 570 24.05 38.47 33.03
CA ARG B 570 24.75 38.76 31.77
C ARG B 570 25.29 37.47 31.14
N GLY B 571 24.52 36.40 31.24
CA GLY B 571 24.90 35.12 30.69
C GLY B 571 24.32 34.88 29.31
N VAL B 572 23.94 33.64 29.06
CA VAL B 572 23.36 33.27 27.77
C VAL B 572 22.05 34.00 27.53
N TYR B 573 21.20 34.07 28.56
CA TYR B 573 19.88 34.66 28.38
C TYR B 573 19.97 36.14 28.07
N ALA B 574 21.02 36.81 28.57
CA ALA B 574 21.18 38.22 28.25
C ALA B 574 21.29 38.43 26.74
N GLN B 575 22.18 37.70 26.08
CA GLN B 575 22.30 37.80 24.62
C GLN B 575 21.04 37.31 23.94
N LEU B 576 20.47 36.19 24.43
CA LEU B 576 19.28 35.61 23.84
C LEU B 576 18.14 36.62 23.80
N HIS B 577 17.94 37.34 24.89
CA HIS B 577 16.97 38.43 24.92
C HIS B 577 17.45 39.61 24.07
N LYS B 578 18.78 39.76 23.93
CA LYS B 578 19.30 40.92 23.22
C LYS B 578 18.89 40.90 21.75
N MET B 579 19.07 39.78 21.04
CA MET B 579 18.74 39.84 19.62
C MET B 579 17.24 39.72 19.40
N GLN B 580 16.50 39.37 20.45
CA GLN B 580 15.04 39.33 20.34
C GLN B 580 14.48 40.74 20.16
#